data_8T4H
#
_entry.id   8T4H
#
_cell.length_a   1.00
_cell.length_b   1.00
_cell.length_c   1.00
_cell.angle_alpha   90.00
_cell.angle_beta   90.00
_cell.angle_gamma   90.00
#
_symmetry.space_group_name_H-M   'P 1'
#
loop_
_entity.id
_entity.type
_entity.pdbx_description
1 polymer 'Antigen peptide transporter 1'
2 polymer 'Antigen peptide transporter 2'
3 polymer 'Synthetic 8-mer peptide'
#
loop_
_entity_poly.entity_id
_entity_poly.type
_entity_poly.pdbx_seq_one_letter_code
_entity_poly.pdbx_strand_id
1 'polypeptide(L)'
;MASSRCPAPRGCRCLPGASLAWLGTVLLLLADWVLLRTALPRIFSLLVPTALPLLRVWAVGLSRWAVLWLGACGVLRATV
GSKSENAGAQGWLAALKPLAAALGLALPGLALFRELISWGAPGSADSTRLLHWGSHPTAFVVSYAAALPAAALWHKLGSL
WVPGGQGGSGNPVRRLLGCLGSETRRLSLFLVLVVLSSLGEMAIPFFTGRLTDWILQDGSADTFTRNLTLMSILTIASAV
LEFVGDGIYNNTMGHVHSHLQGEVFGAVLRQETEFFQQNQTGNIMSRVTEDTSTLSDSLSENLSLFLWYLVRGLCLLGIM
LWGSVSLTMVTLITLPLLFLLPKKVGKWYQLLEVQVRESLAKSSQVAIEALSAMPTVRSFANEEGEAQKFREKLQEIKTL
NQKEAVAYAVNSWTTSISGMLLKVGILYIGGQLVTSGAVSSGNLVTFVLYQMQFTQAVEVLLSIYPRVQKAVGSSEKIFE
YLDRTPRCPPSGLLTPLHLEGLVQFQDVSFAYPNRPDVLVLQGLTFTLRPGEVTALVGPNGSGKSTVAALLQNLYQPTGG
QLLLDGKPLPQYEHRYLHRQVAAVGQEPQVFGRSLQENIAYGLTQKPTMEEITAAAVKSGAHSFISGLPQGYDTEVDEAG
SQLSGGQRQAVALARALIRKPCVLILDDATSALDANSQLQVEQLLYESPERYSRSVLLITQHLSLVEQADHILFLEGGAI
REGGTHQQLMEKKGCYWAMVQAPADAPE
;
A
2 'polypeptide(L)'
;MRLPDLRPWTSLLLVDAALLWLLQGPLGTLLPQGLPGLWLEGTLRLGGLWGLLKLRGLLGFVGTLLLPLCLATPLTVSLR
ALVAGASRAPPARVASAPWSWLLVGYGAAGLSWSLWAVLSPPGAQEKEQDQVNNKVLMWRLLKLSRPDLPLLVAAFFFLV
LAVLGETLIPHYSGRVIDILGGDFDPHAFASAIFFMCLFSFGSSLSAGCRGGCFTYTMSRINLRIREQLFSSLLRQDLGF
FQETKTGELNSRLSSDTTLMSNWLPLNANVLLRSLVKVVGLYGFMLSISPRLTLLSLLHMPFTIAAEKVYNTRHQEVLRE
IQDAVARAGQVVREAVGGLQTVRSFGAEEHEVCRYKEALEQCRQLYWRRDLERALYLLVRRVLHLGVQMLMLSCGLQQMQ
DGELTQGSLLSFMIYQESVGSYVQTLVYIYGDMLSNVGAAEKVFSYMDRQPNLPSPGTLAPTTLQGVVKFQDVSFAYPNR
PDRPVLKGLTFTLRPGEVTALVGPNGSGKSTVAALLQNLYQPTGGQVLLDEKPISQYEHCYLHSQVVSVGQEPVLFSGSV
RNNIAYGLQSCEDDKVMAAAQAAHADDFIQEMEHGIYTDVGEKGSQLAAGQKQRLAIARALVRDPRVLILDEATSALDVQ
CEQALQDWNSRGDRTVLVIAHRLQTVQRAHQILVLQEGKLQKLAQL
;
B
3 'polypeptide(L)' RRYQSTEL C
#
# COMPACT_ATOMS: atom_id res chain seq x y z
N SER A 182 -32.00 -2.59 7.54
CA SER A 182 -32.17 -2.02 8.87
C SER A 182 -32.09 -0.50 8.83
N GLU A 183 -31.36 0.02 7.84
CA GLU A 183 -31.19 1.45 7.67
C GLU A 183 -32.14 2.04 6.64
N THR A 184 -33.09 1.24 6.16
CA THR A 184 -34.06 1.74 5.18
C THR A 184 -34.93 2.85 5.74
N ARG A 185 -35.18 2.81 7.06
CA ARG A 185 -35.96 3.84 7.72
C ARG A 185 -35.34 5.23 7.60
N ARG A 186 -34.02 5.30 7.39
CA ARG A 186 -33.38 6.57 7.08
C ARG A 186 -33.05 6.72 5.61
N LEU A 187 -32.85 5.62 4.88
CA LEU A 187 -32.50 5.72 3.48
C LEU A 187 -33.67 6.23 2.63
N SER A 188 -34.89 5.80 2.95
CA SER A 188 -36.06 6.31 2.23
C SER A 188 -36.24 7.81 2.47
N LEU A 189 -36.01 8.24 3.72
CA LEU A 189 -36.05 9.67 4.03
C LEU A 189 -34.99 10.43 3.25
N PHE A 190 -33.79 9.85 3.14
CA PHE A 190 -32.73 10.48 2.36
C PHE A 190 -33.12 10.61 0.89
N LEU A 191 -33.74 9.57 0.34
CA LEU A 191 -34.13 9.60 -1.07
C LEU A 191 -35.20 10.66 -1.33
N VAL A 192 -36.21 10.74 -0.46
CA VAL A 192 -37.24 11.75 -0.67
C VAL A 192 -36.66 13.14 -0.41
N LEU A 193 -35.67 13.25 0.47
CA LEU A 193 -34.97 14.51 0.67
C LEU A 193 -34.24 14.94 -0.60
N VAL A 194 -33.60 13.99 -1.28
CA VAL A 194 -32.90 14.27 -2.52
C VAL A 194 -33.88 14.76 -3.58
N VAL A 195 -35.03 14.09 -3.70
CA VAL A 195 -36.02 14.46 -4.70
C VAL A 195 -36.54 15.87 -4.44
N LEU A 196 -36.88 16.17 -3.19
CA LEU A 196 -37.39 17.50 -2.87
C LEU A 196 -36.32 18.57 -3.06
N SER A 197 -35.06 18.23 -2.77
CA SER A 197 -33.98 19.18 -3.00
C SER A 197 -33.81 19.49 -4.47
N SER A 198 -33.96 18.48 -5.33
CA SER A 198 -33.89 18.73 -6.77
C SER A 198 -35.03 19.61 -7.24
N LEU A 199 -36.25 19.34 -6.76
CA LEU A 199 -37.39 20.19 -7.12
C LEU A 199 -37.16 21.64 -6.69
N GLY A 200 -36.66 21.84 -5.47
CA GLY A 200 -36.39 23.19 -5.01
C GLY A 200 -35.26 23.86 -5.78
N GLU A 201 -34.24 23.10 -6.17
CA GLU A 201 -33.11 23.66 -6.89
C GLU A 201 -33.53 24.07 -8.29
N MET A 202 -34.59 23.46 -8.81
CA MET A 202 -35.03 23.74 -10.17
C MET A 202 -35.58 25.16 -10.36
N ALA A 203 -35.59 25.97 -9.31
CA ALA A 203 -36.27 27.25 -9.34
C ALA A 203 -35.55 28.32 -10.14
N ILE A 204 -34.23 28.23 -10.29
CA ILE A 204 -33.48 29.31 -10.94
C ILE A 204 -33.83 29.47 -12.42
N PRO A 205 -33.68 28.46 -13.29
CA PRO A 205 -33.82 28.74 -14.72
C PRO A 205 -35.26 29.00 -15.15
N PHE A 206 -36.22 28.22 -14.63
CA PHE A 206 -37.61 28.41 -15.00
C PHE A 206 -38.08 29.82 -14.62
N PHE A 207 -37.76 30.24 -13.41
CA PHE A 207 -38.24 31.55 -12.96
C PHE A 207 -37.50 32.68 -13.65
N THR A 208 -36.21 32.52 -13.96
CA THR A 208 -35.54 33.61 -14.67
C THR A 208 -36.04 33.71 -16.12
N GLY A 209 -36.36 32.58 -16.75
CA GLY A 209 -36.91 32.64 -18.09
C GLY A 209 -38.30 33.26 -18.12
N ARG A 210 -39.16 32.84 -17.18
CA ARG A 210 -40.49 33.44 -17.10
C ARG A 210 -40.41 34.91 -16.70
N LEU A 211 -39.38 35.29 -15.96
CA LEU A 211 -39.24 36.67 -15.53
C LEU A 211 -38.79 37.56 -16.69
N THR A 212 -37.89 37.05 -17.53
CA THR A 212 -37.53 37.79 -18.75
C THR A 212 -38.71 37.84 -19.72
N ASP A 213 -39.51 36.78 -19.78
CA ASP A 213 -40.73 36.82 -20.59
C ASP A 213 -41.72 37.86 -20.04
N TRP A 214 -41.76 38.02 -18.72
CA TRP A 214 -42.58 39.07 -18.12
C TRP A 214 -42.04 40.46 -18.47
N ILE A 215 -40.71 40.60 -18.52
CA ILE A 215 -40.10 41.84 -18.98
C ILE A 215 -40.56 42.15 -20.40
N LEU A 216 -40.55 41.15 -21.27
CA LEU A 216 -41.06 41.35 -22.62
C LEU A 216 -42.57 41.59 -22.64
N GLN A 217 -43.27 41.11 -21.62
CA GLN A 217 -44.72 41.25 -21.54
C GLN A 217 -45.15 42.60 -20.97
N ASP A 218 -44.22 43.36 -20.38
CA ASP A 218 -44.49 44.67 -19.78
C ASP A 218 -45.58 44.57 -18.70
N GLY A 219 -45.45 43.57 -17.82
CA GLY A 219 -46.38 43.40 -16.73
C GLY A 219 -46.02 44.24 -15.52
N SER A 220 -46.85 44.12 -14.50
CA SER A 220 -46.69 44.89 -13.27
C SER A 220 -45.68 44.23 -12.34
N ALA A 221 -45.11 45.03 -11.44
CA ALA A 221 -44.00 44.61 -10.59
C ALA A 221 -44.39 43.57 -9.55
N ASP A 222 -45.68 43.34 -9.33
CA ASP A 222 -46.10 42.33 -8.36
C ASP A 222 -45.63 40.93 -8.78
N THR A 223 -45.77 40.62 -10.07
CA THR A 223 -45.31 39.33 -10.59
C THR A 223 -43.80 39.19 -10.42
N PHE A 224 -43.05 40.26 -10.71
CA PHE A 224 -41.60 40.22 -10.59
C PHE A 224 -41.17 39.99 -9.15
N THR A 225 -41.78 40.71 -8.20
CA THR A 225 -41.44 40.55 -6.80
C THR A 225 -41.81 39.15 -6.30
N ARG A 226 -42.98 38.66 -6.68
CA ARG A 226 -43.40 37.33 -6.27
C ARG A 226 -42.46 36.26 -6.83
N ASN A 227 -42.03 36.43 -8.08
CA ASN A 227 -41.13 35.45 -8.68
C ASN A 227 -39.76 35.48 -8.02
N LEU A 228 -39.28 36.66 -7.64
CA LEU A 228 -38.00 36.73 -6.92
C LEU A 228 -38.10 36.06 -5.56
N THR A 229 -39.20 36.29 -4.85
CA THR A 229 -39.40 35.65 -3.55
C THR A 229 -39.47 34.14 -3.70
N LEU A 230 -40.17 33.67 -4.73
CA LEU A 230 -40.26 32.23 -4.97
C LEU A 230 -38.90 31.63 -5.30
N MET A 231 -38.13 32.32 -6.15
CA MET A 231 -36.74 31.97 -6.42
C MET A 231 -35.98 31.70 -5.14
N SER A 232 -35.90 32.73 -4.28
CA SER A 232 -35.08 32.66 -3.08
C SER A 232 -35.55 31.56 -2.15
N ILE A 233 -36.88 31.50 -1.91
CA ILE A 233 -37.41 30.55 -0.94
C ILE A 233 -37.20 29.12 -1.42
N LEU A 234 -37.53 28.85 -2.69
CA LEU A 234 -37.41 27.48 -3.20
C LEU A 234 -35.97 27.01 -3.18
N THR A 235 -35.03 27.85 -3.61
CA THR A 235 -33.66 27.33 -3.66
C THR A 235 -33.01 27.29 -2.28
N ILE A 236 -33.41 28.14 -1.34
CA ILE A 236 -32.83 28.03 0.00
C ILE A 236 -33.38 26.80 0.69
N ALA A 237 -34.65 26.46 0.45
CA ALA A 237 -35.18 25.20 0.93
C ALA A 237 -34.45 24.03 0.30
N SER A 238 -34.12 24.14 -0.99
CA SER A 238 -33.36 23.08 -1.66
C SER A 238 -31.99 22.89 -1.04
N ALA A 239 -31.28 23.99 -0.76
CA ALA A 239 -29.94 23.88 -0.20
C ALA A 239 -29.98 23.27 1.19
N VAL A 240 -30.92 23.73 2.03
CA VAL A 240 -31.03 23.18 3.39
C VAL A 240 -31.41 21.70 3.33
N LEU A 241 -32.33 21.34 2.43
CA LEU A 241 -32.75 19.96 2.30
C LEU A 241 -31.61 19.07 1.80
N GLU A 242 -30.80 19.57 0.87
CA GLU A 242 -29.64 18.82 0.41
C GLU A 242 -28.65 18.59 1.54
N PHE A 243 -28.38 19.63 2.34
CA PHE A 243 -27.45 19.47 3.45
C PHE A 243 -27.97 18.47 4.47
N VAL A 244 -29.27 18.51 4.77
CA VAL A 244 -29.85 17.56 5.71
C VAL A 244 -29.79 16.14 5.16
N GLY A 245 -30.09 15.98 3.87
CA GLY A 245 -30.03 14.65 3.27
C GLY A 245 -28.63 14.07 3.25
N ASP A 246 -27.63 14.92 2.98
CA ASP A 246 -26.26 14.46 3.02
C ASP A 246 -25.84 14.08 4.44
N GLY A 247 -26.23 14.89 5.43
CA GLY A 247 -25.92 14.57 6.81
C GLY A 247 -26.65 13.35 7.32
N ILE A 248 -27.76 12.98 6.70
CA ILE A 248 -28.48 11.76 7.06
C ILE A 248 -27.89 10.54 6.37
N TYR A 249 -27.45 10.69 5.12
CA TYR A 249 -26.74 9.61 4.44
C TYR A 249 -25.43 9.28 5.15
N ASN A 250 -24.68 10.31 5.54
CA ASN A 250 -23.58 10.10 6.45
C ASN A 250 -24.12 9.87 7.86
N ASN A 251 -23.25 9.36 8.73
CA ASN A 251 -23.52 8.98 10.12
C ASN A 251 -24.32 7.67 10.07
N THR A 252 -24.75 7.29 8.87
CA THR A 252 -25.38 6.00 8.60
C THR A 252 -24.51 5.11 7.72
N MET A 253 -24.02 5.64 6.60
CA MET A 253 -23.10 4.86 5.78
C MET A 253 -21.79 4.62 6.50
N GLY A 254 -21.34 5.57 7.32
CA GLY A 254 -20.16 5.34 8.13
C GLY A 254 -20.38 4.24 9.15
N HIS A 255 -21.57 4.20 9.76
CA HIS A 255 -21.88 3.12 10.70
C HIS A 255 -21.89 1.77 10.01
N VAL A 256 -22.48 1.71 8.80
CA VAL A 256 -22.51 0.46 8.05
C VAL A 256 -21.10 0.01 7.69
N HIS A 257 -20.26 0.96 7.25
CA HIS A 257 -18.88 0.62 6.88
C HIS A 257 -18.11 0.11 8.10
N SER A 258 -18.26 0.77 9.25
CA SER A 258 -17.56 0.33 10.45
C SER A 258 -18.02 -1.05 10.88
N HIS A 259 -19.33 -1.30 10.85
CA HIS A 259 -19.85 -2.62 11.23
C HIS A 259 -19.34 -3.70 10.28
N LEU A 260 -19.32 -3.40 8.98
CA LEU A 260 -18.84 -4.38 8.01
C LEU A 260 -17.37 -4.71 8.23
N GLN A 261 -16.54 -3.69 8.45
CA GLN A 261 -15.11 -3.93 8.66
C GLN A 261 -14.88 -4.69 9.95
N GLY A 262 -15.62 -4.36 11.01
CA GLY A 262 -15.49 -5.10 12.26
C GLY A 262 -15.88 -6.55 12.11
N GLU A 263 -16.97 -6.82 11.39
CA GLU A 263 -17.39 -8.21 11.16
C GLU A 263 -16.37 -8.96 10.33
N VAL A 264 -15.79 -8.31 9.32
CA VAL A 264 -14.78 -8.97 8.49
C VAL A 264 -13.54 -9.30 9.32
N PHE A 265 -13.11 -8.38 10.17
CA PHE A 265 -11.95 -8.64 11.02
C PHE A 265 -12.23 -9.77 12.00
N GLY A 266 -13.42 -9.78 12.60
CA GLY A 266 -13.78 -10.86 13.50
C GLY A 266 -13.86 -12.20 12.79
N ALA A 267 -14.30 -12.19 11.52
CA ALA A 267 -14.37 -13.43 10.76
C ALA A 267 -12.99 -13.96 10.40
N VAL A 268 -12.08 -13.07 10.01
CA VAL A 268 -10.76 -13.53 9.60
C VAL A 268 -9.93 -13.92 10.81
N LEU A 269 -10.18 -13.32 11.98
CA LEU A 269 -9.48 -13.74 13.19
C LEU A 269 -9.79 -15.17 13.55
N ARG A 270 -11.06 -15.56 13.47
CA ARG A 270 -11.47 -16.91 13.83
C ARG A 270 -11.37 -17.85 12.63
N ASP A 291 -7.47 -2.69 3.43
CA ASP A 291 -7.76 -3.63 2.36
C ASP A 291 -9.23 -3.57 1.94
N THR A 292 -10.05 -3.01 2.81
CA THR A 292 -11.49 -2.96 2.61
C THR A 292 -12.05 -1.54 2.76
N SER A 293 -11.47 -0.72 3.65
CA SER A 293 -12.04 0.59 3.96
C SER A 293 -12.03 1.51 2.75
N THR A 294 -10.95 1.46 1.95
CA THR A 294 -10.90 2.27 0.74
C THR A 294 -11.99 1.86 -0.24
N LEU A 295 -12.20 0.55 -0.41
CA LEU A 295 -13.29 0.07 -1.24
C LEU A 295 -14.64 0.56 -0.71
N SER A 296 -14.82 0.48 0.61
CA SER A 296 -16.12 0.81 1.20
C SER A 296 -16.45 2.29 1.02
N ASP A 297 -15.52 3.18 1.38
CA ASP A 297 -15.87 4.59 1.30
C ASP A 297 -15.85 5.11 -0.14
N SER A 298 -15.01 4.55 -1.01
CA SER A 298 -15.11 4.88 -2.43
C SER A 298 -16.45 4.45 -3.01
N LEU A 299 -16.91 3.25 -2.65
CA LEU A 299 -18.21 2.79 -3.09
C LEU A 299 -19.33 3.67 -2.57
N SER A 300 -19.25 4.10 -1.31
CA SER A 300 -20.28 4.96 -0.75
C SER A 300 -20.32 6.31 -1.48
N GLU A 301 -19.15 6.91 -1.69
CA GLU A 301 -19.08 8.20 -2.36
C GLU A 301 -19.62 8.12 -3.79
N ASN A 302 -19.20 7.08 -4.52
CA ASN A 302 -19.65 6.94 -5.91
C ASN A 302 -21.13 6.63 -5.99
N LEU A 303 -21.64 5.80 -5.08
CA LEU A 303 -23.06 5.49 -5.06
C LEU A 303 -23.90 6.73 -4.78
N SER A 304 -23.48 7.55 -3.82
CA SER A 304 -24.26 8.74 -3.50
C SER A 304 -24.20 9.76 -4.62
N LEU A 305 -23.03 9.90 -5.25
CA LEU A 305 -22.93 10.80 -6.41
C LEU A 305 -23.82 10.32 -7.55
N PHE A 306 -23.83 9.01 -7.81
CA PHE A 306 -24.67 8.45 -8.84
C PHE A 306 -26.15 8.71 -8.57
N LEU A 307 -26.56 8.50 -7.31
CA LEU A 307 -27.96 8.74 -6.96
C LEU A 307 -28.32 10.21 -7.10
N TRP A 308 -27.47 11.11 -6.61
CA TRP A 308 -27.73 12.54 -6.70
C TRP A 308 -27.90 12.99 -8.15
N TYR A 309 -26.93 12.65 -8.99
CA TYR A 309 -26.99 13.15 -10.36
C TYR A 309 -28.03 12.43 -11.19
N LEU A 310 -28.36 11.18 -10.85
CA LEU A 310 -29.45 10.50 -11.53
C LEU A 310 -30.78 11.15 -11.24
N VAL A 311 -31.03 11.47 -9.95
CA VAL A 311 -32.27 12.15 -9.61
C VAL A 311 -32.31 13.54 -10.23
N ARG A 312 -31.16 14.22 -10.26
CA ARG A 312 -31.10 15.54 -10.88
C ARG A 312 -31.44 15.48 -12.37
N GLY A 313 -30.89 14.50 -13.08
CA GLY A 313 -31.19 14.36 -14.50
C GLY A 313 -32.65 14.00 -14.75
N LEU A 314 -33.20 13.11 -13.91
CA LEU A 314 -34.60 12.75 -14.06
C LEU A 314 -35.50 13.96 -13.83
N CYS A 315 -35.17 14.77 -12.82
CA CYS A 315 -35.95 15.98 -12.55
C CYS A 315 -35.84 16.97 -13.69
N LEU A 316 -34.63 17.13 -14.25
CA LEU A 316 -34.42 17.96 -15.43
C LEU A 316 -35.35 17.53 -16.53
N LEU A 317 -35.35 16.25 -16.86
CA LEU A 317 -36.15 15.75 -17.98
C LEU A 317 -37.64 15.91 -17.69
N GLY A 318 -38.04 15.71 -16.44
CA GLY A 318 -39.43 15.90 -16.08
C GLY A 318 -39.91 17.32 -16.31
N ILE A 319 -39.09 18.31 -15.94
CA ILE A 319 -39.56 19.67 -16.16
C ILE A 319 -39.35 20.09 -17.61
N MET A 320 -38.48 19.42 -18.36
CA MET A 320 -38.52 19.56 -19.82
C MET A 320 -39.90 19.19 -20.33
N LEU A 321 -40.38 18.01 -19.91
CA LEU A 321 -41.70 17.55 -20.33
C LEU A 321 -42.82 18.44 -19.80
N TRP A 322 -42.57 19.19 -18.72
CA TRP A 322 -43.52 20.22 -18.31
C TRP A 322 -43.68 21.27 -19.39
N GLY A 323 -42.56 21.69 -19.99
CA GLY A 323 -42.61 22.69 -21.03
C GLY A 323 -43.05 22.14 -22.38
N SER A 324 -42.56 22.74 -23.45
CA SER A 324 -42.93 22.29 -24.79
C SER A 324 -42.33 20.92 -25.07
N VAL A 325 -43.17 20.01 -25.56
CA VAL A 325 -42.74 18.63 -25.80
C VAL A 325 -41.75 18.56 -26.96
N SER A 326 -41.90 19.45 -27.95
CA SER A 326 -41.09 19.36 -29.17
C SER A 326 -39.61 19.59 -28.89
N LEU A 327 -39.29 20.54 -28.02
CA LEU A 327 -37.89 20.77 -27.68
C LEU A 327 -37.31 19.62 -26.86
N THR A 328 -38.15 18.86 -26.17
CA THR A 328 -37.67 17.70 -25.43
C THR A 328 -37.29 16.57 -26.37
N MET A 329 -37.95 16.48 -27.53
CA MET A 329 -37.71 15.41 -28.47
C MET A 329 -36.24 15.35 -28.90
N VAL A 330 -35.60 16.52 -29.02
CA VAL A 330 -34.18 16.57 -29.37
C VAL A 330 -33.36 15.81 -28.33
N THR A 331 -33.63 16.06 -27.05
CA THR A 331 -32.92 15.36 -25.99
C THR A 331 -33.25 13.88 -25.99
N LEU A 332 -34.51 13.52 -26.22
CA LEU A 332 -34.88 12.10 -26.18
C LEU A 332 -34.41 11.30 -27.39
N ILE A 333 -34.04 11.94 -28.50
CA ILE A 333 -33.40 11.17 -29.57
C ILE A 333 -31.89 11.20 -29.44
N THR A 334 -31.32 12.30 -28.95
CA THR A 334 -29.86 12.37 -28.83
C THR A 334 -29.33 11.75 -27.54
N LEU A 335 -30.19 11.32 -26.63
CA LEU A 335 -29.71 10.63 -25.43
C LEU A 335 -29.03 9.28 -25.73
N PRO A 336 -29.58 8.40 -26.58
CA PRO A 336 -28.83 7.16 -26.88
C PRO A 336 -27.47 7.42 -27.52
N LEU A 337 -27.34 8.46 -28.34
CA LEU A 337 -26.03 8.80 -28.88
C LEU A 337 -25.12 9.34 -27.80
N LEU A 338 -25.68 10.00 -26.78
CA LEU A 338 -24.88 10.46 -25.65
C LEU A 338 -24.46 9.32 -24.75
N PHE A 339 -25.19 8.21 -24.75
CA PHE A 339 -24.91 7.12 -23.82
C PHE A 339 -24.07 6.00 -24.43
N LEU A 340 -24.45 5.51 -25.61
CA LEU A 340 -23.83 4.30 -26.15
C LEU A 340 -22.37 4.52 -26.52
N LEU A 341 -22.09 5.57 -27.30
CA LEU A 341 -20.73 5.76 -27.82
C LEU A 341 -19.69 6.08 -26.74
N PRO A 342 -19.91 7.05 -25.83
CA PRO A 342 -18.90 7.26 -24.78
C PRO A 342 -18.73 6.06 -23.87
N LYS A 343 -19.78 5.27 -23.65
CA LYS A 343 -19.62 4.02 -22.92
C LYS A 343 -18.74 3.04 -23.68
N LYS A 344 -18.80 3.07 -25.02
CA LYS A 344 -17.91 2.23 -25.81
C LYS A 344 -16.46 2.67 -25.68
N VAL A 345 -16.21 3.98 -25.72
CA VAL A 345 -14.82 4.44 -25.66
C VAL A 345 -14.26 4.34 -24.25
N GLY A 346 -15.12 4.41 -23.24
CA GLY A 346 -14.64 4.45 -21.87
C GLY A 346 -13.97 3.17 -21.43
N LYS A 347 -14.52 2.01 -21.84
CA LYS A 347 -13.89 0.74 -21.48
C LYS A 347 -12.54 0.57 -22.17
N TRP A 348 -12.42 1.04 -23.41
CA TRP A 348 -11.12 1.01 -24.09
C TRP A 348 -10.10 1.85 -23.34
N TYR A 349 -10.46 3.08 -22.99
CA TYR A 349 -9.53 3.95 -22.27
C TYR A 349 -9.18 3.38 -20.91
N GLN A 350 -10.16 2.81 -20.21
CA GLN A 350 -9.92 2.22 -18.90
C GLN A 350 -9.00 1.01 -19.00
N LEU A 351 -9.19 0.19 -20.03
CA LEU A 351 -8.33 -0.97 -20.24
C LEU A 351 -6.89 -0.54 -20.47
N LEU A 352 -6.68 0.48 -21.33
CA LEU A 352 -5.33 0.93 -21.58
C LEU A 352 -4.70 1.54 -20.32
N GLU A 353 -5.49 2.30 -19.55
CA GLU A 353 -4.97 2.89 -18.32
C GLU A 353 -4.57 1.83 -17.31
N VAL A 354 -5.40 0.78 -17.15
CA VAL A 354 -5.08 -0.23 -16.16
C VAL A 354 -3.88 -1.08 -16.63
N GLN A 355 -3.72 -1.28 -17.95
CA GLN A 355 -2.53 -1.95 -18.44
C GLN A 355 -1.28 -1.15 -18.14
N VAL A 356 -1.33 0.17 -18.34
CA VAL A 356 -0.18 1.02 -18.04
C VAL A 356 0.14 0.98 -16.55
N ARG A 357 -0.89 1.03 -15.70
CA ARG A 357 -0.66 1.01 -14.26
C ARG A 357 -0.06 -0.32 -13.82
N GLU A 358 -0.54 -1.44 -14.39
CA GLU A 358 0.01 -2.75 -14.04
C GLU A 358 1.47 -2.87 -14.47
N SER A 359 1.81 -2.36 -15.66
CA SER A 359 3.19 -2.40 -16.10
C SER A 359 4.09 -1.54 -15.21
N LEU A 360 3.58 -0.39 -14.78
CA LEU A 360 4.34 0.46 -13.87
C LEU A 360 4.58 -0.24 -12.53
N ALA A 361 3.56 -0.93 -12.02
CA ALA A 361 3.72 -1.67 -10.78
C ALA A 361 4.74 -2.78 -10.92
N LYS A 362 4.72 -3.48 -12.06
CA LYS A 362 5.71 -4.54 -12.30
C LYS A 362 7.12 -3.99 -12.35
N SER A 363 7.31 -2.86 -13.04
CA SER A 363 8.63 -2.25 -13.14
C SER A 363 9.13 -1.81 -11.77
N SER A 364 8.25 -1.19 -10.97
CA SER A 364 8.64 -0.77 -9.63
C SER A 364 8.99 -1.97 -8.75
N GLN A 365 8.25 -3.07 -8.92
CA GLN A 365 8.56 -4.28 -8.15
C GLN A 365 9.93 -4.83 -8.51
N VAL A 366 10.26 -4.85 -9.80
CA VAL A 366 11.58 -5.33 -10.21
C VAL A 366 12.68 -4.43 -9.66
N ALA A 367 12.48 -3.12 -9.73
CA ALA A 367 13.48 -2.18 -9.21
C ALA A 367 13.67 -2.34 -7.72
N ILE A 368 12.57 -2.52 -6.97
CA ILE A 368 12.71 -2.68 -5.53
C ILE A 368 13.33 -4.03 -5.17
N GLU A 369 13.12 -5.05 -6.00
CA GLU A 369 13.80 -6.33 -5.78
C GLU A 369 15.31 -6.17 -5.95
N ALA A 370 15.73 -5.46 -6.98
CA ALA A 370 17.15 -5.19 -7.16
C ALA A 370 17.70 -4.36 -6.01
N LEU A 371 16.93 -3.37 -5.54
CA LEU A 371 17.38 -2.54 -4.43
C LEU A 371 17.53 -3.35 -3.16
N SER A 372 16.64 -4.32 -2.93
CA SER A 372 16.78 -5.18 -1.77
C SER A 372 17.97 -6.12 -1.90
N ALA A 373 18.24 -6.60 -3.11
CA ALA A 373 19.32 -7.55 -3.34
C ALA A 373 20.67 -6.87 -3.58
N MET A 374 20.72 -5.54 -3.49
CA MET A 374 21.90 -4.68 -3.69
C MET A 374 23.25 -5.23 -3.23
N PRO A 375 23.41 -5.81 -2.03
CA PRO A 375 24.73 -6.37 -1.69
C PRO A 375 25.22 -7.44 -2.64
N THR A 376 24.33 -8.33 -3.10
CA THR A 376 24.73 -9.33 -4.09
C THR A 376 25.06 -8.68 -5.42
N VAL A 377 24.32 -7.64 -5.79
CA VAL A 377 24.56 -6.94 -7.05
C VAL A 377 25.95 -6.30 -7.03
N ARG A 378 26.29 -5.65 -5.91
CA ARG A 378 27.63 -5.07 -5.80
C ARG A 378 28.70 -6.15 -5.74
N SER A 379 28.38 -7.32 -5.16
CA SER A 379 29.32 -8.43 -5.17
C SER A 379 29.62 -8.89 -6.59
N PHE A 380 28.59 -8.99 -7.42
CA PHE A 380 28.78 -9.43 -8.79
C PHE A 380 29.08 -8.29 -9.76
N ALA A 381 28.97 -7.05 -9.32
CA ALA A 381 29.21 -5.85 -10.13
C ALA A 381 28.36 -5.86 -11.40
N ASN A 382 27.05 -5.93 -11.21
CA ASN A 382 26.08 -6.02 -12.29
C ASN A 382 25.04 -4.92 -12.20
N GLU A 383 25.49 -3.69 -11.92
CA GLU A 383 24.56 -2.56 -11.87
C GLU A 383 23.97 -2.26 -13.25
N GLU A 384 24.82 -2.32 -14.29
CA GLU A 384 24.33 -2.02 -15.64
C GLU A 384 23.33 -3.06 -16.12
N GLY A 385 23.44 -4.30 -15.64
CA GLY A 385 22.44 -5.30 -16.00
C GLY A 385 21.07 -4.96 -15.44
N GLU A 386 21.02 -4.53 -14.18
CA GLU A 386 19.75 -4.09 -13.58
C GLU A 386 19.25 -2.83 -14.27
N ALA A 387 20.14 -1.93 -14.66
CA ALA A 387 19.73 -0.74 -15.39
C ALA A 387 19.09 -1.11 -16.72
N GLN A 388 19.68 -2.05 -17.45
CA GLN A 388 19.10 -2.49 -18.72
C GLN A 388 17.76 -3.20 -18.50
N LYS A 389 17.66 -4.00 -17.43
CA LYS A 389 16.41 -4.70 -17.14
C LYS A 389 15.29 -3.71 -16.82
N PHE A 390 15.61 -2.64 -16.09
CA PHE A 390 14.64 -1.58 -15.85
C PHE A 390 14.29 -0.86 -17.15
N ARG A 391 15.29 -0.60 -17.98
CA ARG A 391 15.08 0.17 -19.20
C ARG A 391 14.18 -0.56 -20.20
N GLU A 392 14.28 -1.89 -20.26
CA GLU A 392 13.42 -2.63 -21.18
C GLU A 392 11.95 -2.50 -20.80
N LYS A 393 11.64 -2.63 -19.51
CA LYS A 393 10.26 -2.47 -19.07
C LYS A 393 9.79 -1.05 -19.27
N LEU A 394 10.68 -0.07 -19.06
CA LEU A 394 10.31 1.31 -19.36
C LEU A 394 10.00 1.50 -20.83
N GLN A 395 10.75 0.82 -21.71
CA GLN A 395 10.47 0.89 -23.14
C GLN A 395 9.11 0.30 -23.47
N GLU A 396 8.75 -0.82 -22.84
CA GLU A 396 7.42 -1.41 -23.06
C GLU A 396 6.31 -0.47 -22.61
N ILE A 397 6.51 0.20 -21.46
CA ILE A 397 5.55 1.16 -20.97
C ILE A 397 5.41 2.33 -21.94
N LYS A 398 6.54 2.81 -22.46
CA LYS A 398 6.51 3.86 -23.48
C LYS A 398 5.75 3.43 -24.71
N THR A 399 5.90 2.16 -25.10
CA THR A 399 5.16 1.64 -26.25
C THR A 399 3.65 1.66 -26.00
N LEU A 400 3.22 1.27 -24.80
CA LEU A 400 1.78 1.24 -24.52
C LEU A 400 1.20 2.65 -24.36
N ASN A 401 2.01 3.60 -23.92
CA ASN A 401 1.45 4.89 -23.54
C ASN A 401 0.95 5.70 -24.74
N GLN A 402 1.52 5.49 -25.92
CA GLN A 402 1.04 6.21 -27.10
C GLN A 402 -0.40 5.83 -27.42
N LYS A 403 -0.70 4.53 -27.37
CA LYS A 403 -2.06 4.07 -27.55
C LYS A 403 -2.96 4.59 -26.45
N GLU A 404 -2.45 4.64 -25.22
CA GLU A 404 -3.24 5.18 -24.12
C GLU A 404 -3.62 6.65 -24.37
N ALA A 405 -2.66 7.45 -24.84
CA ALA A 405 -2.91 8.85 -25.11
C ALA A 405 -3.91 9.03 -26.25
N VAL A 406 -3.79 8.19 -27.28
CA VAL A 406 -4.75 8.23 -28.39
C VAL A 406 -6.16 7.94 -27.90
N ALA A 407 -6.30 6.92 -27.05
CA ALA A 407 -7.61 6.60 -26.50
C ALA A 407 -8.18 7.73 -25.66
N TYR A 408 -7.32 8.38 -24.87
CA TYR A 408 -7.76 9.51 -24.04
C TYR A 408 -8.28 10.65 -24.90
N ALA A 409 -7.53 10.99 -25.95
CA ALA A 409 -7.94 12.08 -26.84
C ALA A 409 -9.24 11.75 -27.55
N VAL A 410 -9.40 10.50 -28.00
CA VAL A 410 -10.62 10.09 -28.70
C VAL A 410 -11.82 10.18 -27.76
N ASN A 411 -11.66 9.73 -26.52
CA ASN A 411 -12.76 9.78 -25.55
C ASN A 411 -13.18 11.21 -25.27
N SER A 412 -12.20 12.11 -25.07
CA SER A 412 -12.54 13.51 -24.81
C SER A 412 -13.24 14.13 -26.00
N TRP A 413 -12.74 13.84 -27.22
CA TRP A 413 -13.38 14.33 -28.44
C TRP A 413 -14.84 13.89 -28.51
N THR A 414 -15.09 12.61 -28.30
CA THR A 414 -16.45 12.07 -28.45
C THR A 414 -17.39 12.70 -27.44
N THR A 415 -16.97 12.78 -26.17
CA THR A 415 -17.84 13.33 -25.14
C THR A 415 -18.17 14.79 -25.43
N SER A 416 -17.15 15.61 -25.70
CA SER A 416 -17.37 17.03 -25.92
C SER A 416 -18.24 17.27 -27.15
N ILE A 417 -17.95 16.56 -28.24
CA ILE A 417 -18.68 16.82 -29.49
C ILE A 417 -20.14 16.40 -29.34
N SER A 418 -20.40 15.28 -28.65
CA SER A 418 -21.79 14.84 -28.48
C SER A 418 -22.57 15.85 -27.65
N GLY A 419 -22.01 16.24 -26.49
CA GLY A 419 -22.73 17.16 -25.62
C GLY A 419 -23.00 18.50 -26.27
N MET A 420 -21.99 19.09 -26.89
CA MET A 420 -22.19 20.45 -27.36
C MET A 420 -22.82 20.49 -28.75
N LEU A 421 -22.78 19.38 -29.50
CA LEU A 421 -23.67 19.23 -30.65
C LEU A 421 -25.12 19.22 -30.22
N LEU A 422 -25.44 18.52 -29.13
CA LEU A 422 -26.80 18.60 -28.60
C LEU A 422 -27.16 20.03 -28.21
N LYS A 423 -26.21 20.73 -27.58
CA LYS A 423 -26.46 22.10 -27.14
C LYS A 423 -26.76 23.02 -28.30
N VAL A 424 -26.10 22.82 -29.45
CA VAL A 424 -26.42 23.67 -30.60
C VAL A 424 -27.70 23.19 -31.30
N GLY A 425 -28.00 21.89 -31.23
CA GLY A 425 -29.18 21.38 -31.91
C GLY A 425 -30.47 21.89 -31.30
N ILE A 426 -30.54 21.92 -29.97
CA ILE A 426 -31.76 22.41 -29.33
C ILE A 426 -31.92 23.91 -29.62
N LEU A 427 -30.81 24.65 -29.64
CA LEU A 427 -30.90 26.07 -29.93
C LEU A 427 -31.44 26.32 -31.33
N TYR A 428 -30.99 25.55 -32.32
CA TYR A 428 -31.51 25.70 -33.67
C TYR A 428 -32.99 25.35 -33.75
N ILE A 429 -33.38 24.23 -33.13
CA ILE A 429 -34.79 23.80 -33.19
C ILE A 429 -35.68 24.81 -32.49
N GLY A 430 -35.25 25.30 -31.33
CA GLY A 430 -36.03 26.27 -30.58
C GLY A 430 -36.13 27.60 -31.30
N GLY A 431 -35.07 28.01 -32.00
CA GLY A 431 -35.17 29.20 -32.82
C GLY A 431 -36.18 29.04 -33.93
N GLN A 432 -36.18 27.87 -34.59
CA GLN A 432 -37.17 27.60 -35.62
C GLN A 432 -38.59 27.64 -35.05
N LEU A 433 -38.79 27.08 -33.86
CA LEU A 433 -40.13 27.06 -33.28
C LEU A 433 -40.57 28.44 -32.78
N VAL A 434 -39.63 29.24 -32.29
CA VAL A 434 -39.96 30.60 -31.88
C VAL A 434 -40.35 31.43 -33.10
N THR A 435 -39.67 31.21 -34.23
CA THR A 435 -40.11 31.81 -35.48
C THR A 435 -41.51 31.31 -35.84
N SER A 436 -41.77 30.02 -35.64
CA SER A 436 -43.12 29.51 -35.81
C SER A 436 -44.10 30.09 -34.78
N GLY A 437 -43.60 30.55 -33.64
CA GLY A 437 -44.41 31.27 -32.69
C GLY A 437 -45.10 30.44 -31.62
N ALA A 438 -44.96 29.12 -31.66
CA ALA A 438 -45.63 28.27 -30.67
C ALA A 438 -44.95 28.30 -29.31
N VAL A 439 -43.73 28.80 -29.22
CA VAL A 439 -42.95 28.79 -27.98
C VAL A 439 -42.45 30.20 -27.73
N SER A 440 -42.65 30.69 -26.50
CA SER A 440 -42.13 32.00 -26.13
C SER A 440 -40.62 31.96 -25.98
N SER A 441 -39.99 33.13 -26.12
CA SER A 441 -38.53 33.21 -26.03
C SER A 441 -38.04 32.89 -24.63
N GLY A 442 -38.85 33.20 -23.61
CA GLY A 442 -38.47 32.86 -22.24
C GLY A 442 -38.31 31.37 -22.03
N ASN A 443 -39.15 30.57 -22.69
CA ASN A 443 -39.00 29.13 -22.61
C ASN A 443 -37.69 28.67 -23.23
N LEU A 444 -37.28 29.30 -24.34
CA LEU A 444 -35.98 29.00 -24.92
C LEU A 444 -34.85 29.38 -23.98
N VAL A 445 -35.00 30.51 -23.28
CA VAL A 445 -34.02 30.93 -22.29
C VAL A 445 -33.89 29.90 -21.18
N THR A 446 -35.04 29.36 -20.73
CA THR A 446 -35.00 28.28 -19.75
C THR A 446 -34.30 27.05 -20.32
N PHE A 447 -34.63 26.69 -21.56
CA PHE A 447 -34.16 25.44 -22.13
C PHE A 447 -32.66 25.43 -22.36
N VAL A 448 -32.06 26.60 -22.63
CA VAL A 448 -30.61 26.64 -22.81
C VAL A 448 -29.90 26.23 -21.52
N LEU A 449 -30.26 26.88 -20.41
CA LEU A 449 -29.67 26.53 -19.12
C LEU A 449 -30.02 25.11 -18.70
N TYR A 450 -31.22 24.67 -19.06
CA TYR A 450 -31.61 23.28 -18.80
C TYR A 450 -30.69 22.32 -19.53
N GLN A 451 -30.33 22.63 -20.77
CA GLN A 451 -29.41 21.77 -21.50
C GLN A 451 -28.02 21.76 -20.88
N MET A 452 -27.55 22.93 -20.42
CA MET A 452 -26.25 22.94 -19.75
C MET A 452 -26.25 22.04 -18.52
N GLN A 453 -27.29 22.17 -17.68
CA GLN A 453 -27.37 21.36 -16.47
C GLN A 453 -27.52 19.88 -16.81
N PHE A 454 -28.33 19.55 -17.81
CA PHE A 454 -28.53 18.15 -18.18
C PHE A 454 -27.25 17.55 -18.75
N THR A 455 -26.51 18.31 -19.56
CA THR A 455 -25.25 17.83 -20.09
C THR A 455 -24.25 17.58 -18.97
N GLN A 456 -24.17 18.49 -18.00
CA GLN A 456 -23.27 18.27 -16.86
C GLN A 456 -23.67 17.03 -16.09
N ALA A 457 -24.97 16.83 -15.86
CA ALA A 457 -25.44 15.68 -15.10
C ALA A 457 -25.13 14.38 -15.83
N VAL A 458 -25.40 14.33 -17.13
CA VAL A 458 -25.17 13.09 -17.85
C VAL A 458 -23.67 12.81 -17.97
N GLU A 459 -22.84 13.84 -18.09
CA GLU A 459 -21.40 13.62 -18.16
C GLU A 459 -20.87 13.11 -16.82
N VAL A 460 -21.41 13.61 -15.71
CA VAL A 460 -21.06 13.07 -14.40
C VAL A 460 -21.48 11.61 -14.30
N LEU A 461 -22.65 11.26 -14.83
CA LEU A 461 -23.10 9.88 -14.80
C LEU A 461 -22.16 8.95 -15.57
N LEU A 462 -21.74 9.37 -16.77
CA LEU A 462 -20.79 8.56 -17.53
C LEU A 462 -19.44 8.46 -16.82
N SER A 463 -18.99 9.54 -16.19
CA SER A 463 -17.72 9.48 -15.49
C SER A 463 -17.79 8.67 -14.21
N ILE A 464 -18.98 8.46 -13.65
CA ILE A 464 -19.12 7.81 -12.36
C ILE A 464 -19.44 6.32 -12.49
N TYR A 465 -20.31 5.95 -13.42
CA TYR A 465 -20.83 4.57 -13.47
C TYR A 465 -19.77 3.47 -13.55
N PRO A 466 -18.70 3.56 -14.38
CA PRO A 466 -17.69 2.49 -14.34
C PRO A 466 -17.01 2.33 -12.99
N ARG A 467 -16.84 3.43 -12.24
CA ARG A 467 -16.27 3.31 -10.91
C ARG A 467 -17.18 2.52 -9.98
N VAL A 468 -18.50 2.73 -10.08
CA VAL A 468 -19.44 1.96 -9.29
C VAL A 468 -19.37 0.48 -9.67
N GLN A 469 -19.30 0.19 -10.98
CA GLN A 469 -19.22 -1.19 -11.42
C GLN A 469 -17.95 -1.86 -10.92
N LYS A 470 -16.82 -1.16 -11.00
CA LYS A 470 -15.56 -1.70 -10.49
C LYS A 470 -15.62 -1.93 -8.98
N ALA A 471 -16.24 -0.99 -8.25
CA ALA A 471 -16.33 -1.12 -6.80
C ALA A 471 -17.17 -2.33 -6.39
N VAL A 472 -18.32 -2.53 -7.04
CA VAL A 472 -19.15 -3.66 -6.66
C VAL A 472 -18.50 -4.97 -7.10
N GLY A 473 -17.80 -4.97 -8.24
CA GLY A 473 -17.08 -6.16 -8.65
C GLY A 473 -15.97 -6.53 -7.67
N SER A 474 -15.26 -5.54 -7.15
CA SER A 474 -14.23 -5.80 -6.16
C SER A 474 -14.78 -6.08 -4.78
N SER A 475 -16.03 -5.70 -4.51
CA SER A 475 -16.64 -5.98 -3.21
C SER A 475 -17.32 -7.34 -3.15
N GLU A 476 -17.72 -7.89 -4.29
CA GLU A 476 -18.35 -9.21 -4.28
C GLU A 476 -17.39 -10.28 -3.77
N LYS A 477 -16.11 -10.20 -4.16
CA LYS A 477 -15.14 -11.18 -3.69
C LYS A 477 -14.89 -11.07 -2.19
N ILE A 478 -14.93 -9.83 -1.66
CA ILE A 478 -14.79 -9.66 -0.21
C ILE A 478 -16.00 -10.24 0.51
N PHE A 479 -17.20 -10.02 -0.04
CA PHE A 479 -18.41 -10.59 0.55
C PHE A 479 -18.34 -12.12 0.54
N GLU A 480 -17.79 -12.70 -0.53
CA GLU A 480 -17.55 -14.15 -0.53
C GLU A 480 -16.52 -14.55 0.52
N TYR A 481 -15.45 -13.75 0.67
CA TYR A 481 -14.39 -14.05 1.61
C TYR A 481 -14.84 -13.93 3.06
N LEU A 482 -15.98 -13.27 3.31
CA LEU A 482 -16.51 -13.19 4.67
C LEU A 482 -16.76 -14.58 5.25
N ASP A 483 -17.22 -15.51 4.42
CA ASP A 483 -17.42 -16.89 4.87
C ASP A 483 -16.70 -17.88 3.97
N GLY A 492 -21.99 -22.37 23.97
CA GLY A 492 -22.33 -22.66 25.35
C GLY A 492 -21.65 -23.90 25.89
N LEU A 493 -21.16 -23.82 27.13
CA LEU A 493 -20.47 -24.94 27.74
C LEU A 493 -20.52 -24.77 29.25
N LEU A 494 -20.24 -25.88 29.96
CA LEU A 494 -20.28 -25.87 31.41
C LEU A 494 -19.16 -25.02 31.98
N THR A 495 -19.46 -24.28 33.05
CA THR A 495 -18.48 -23.41 33.68
C THR A 495 -18.01 -24.04 34.97
N PRO A 496 -16.73 -24.42 35.10
CA PRO A 496 -16.25 -24.95 36.37
C PRO A 496 -16.18 -23.87 37.44
N LEU A 497 -16.31 -24.29 38.70
CA LEU A 497 -16.32 -23.38 39.82
C LEU A 497 -15.34 -23.80 40.92
N HIS A 498 -14.37 -24.64 40.60
CA HIS A 498 -13.39 -25.11 41.57
C HIS A 498 -12.13 -25.54 40.81
N LEU A 499 -11.21 -26.17 41.52
CA LEU A 499 -9.99 -26.67 40.89
C LEU A 499 -10.31 -27.83 39.97
N GLU A 500 -9.63 -27.87 38.82
CA GLU A 500 -9.86 -28.95 37.86
C GLU A 500 -9.37 -30.28 38.41
N GLY A 501 -8.23 -30.30 39.08
CA GLY A 501 -7.71 -31.52 39.66
C GLY A 501 -6.84 -32.33 38.72
N LEU A 502 -7.44 -32.96 37.72
CA LEU A 502 -6.70 -33.83 36.83
C LEU A 502 -7.37 -33.88 35.46
N VAL A 503 -6.60 -34.31 34.47
CA VAL A 503 -7.09 -34.50 33.11
C VAL A 503 -6.42 -35.74 32.54
N GLN A 504 -7.13 -36.43 31.66
CA GLN A 504 -6.61 -37.68 31.10
C GLN A 504 -7.17 -37.88 29.70
N PHE A 505 -6.47 -38.70 28.92
CA PHE A 505 -6.89 -39.11 27.60
C PHE A 505 -6.83 -40.62 27.50
N GLN A 506 -7.63 -41.18 26.60
CA GLN A 506 -7.75 -42.64 26.44
C GLN A 506 -7.57 -42.99 24.96
N ASP A 507 -6.31 -43.19 24.57
CA ASP A 507 -5.93 -43.61 23.21
C ASP A 507 -6.49 -42.64 22.16
N VAL A 508 -6.37 -41.35 22.45
CA VAL A 508 -6.94 -40.34 21.57
C VAL A 508 -6.14 -40.26 20.27
N SER A 509 -6.83 -39.89 19.19
CA SER A 509 -6.22 -39.75 17.88
C SER A 509 -6.52 -38.37 17.32
N PHE A 510 -5.60 -37.86 16.50
CA PHE A 510 -5.73 -36.52 15.95
C PHE A 510 -5.26 -36.54 14.50
N ALA A 511 -5.75 -35.55 13.74
CA ALA A 511 -5.39 -35.39 12.34
C ALA A 511 -5.09 -33.93 12.06
N TYR A 512 -4.17 -33.70 11.11
CA TYR A 512 -3.81 -32.33 10.73
C TYR A 512 -4.94 -31.71 9.91
N PRO A 513 -5.21 -30.42 10.12
CA PRO A 513 -6.25 -29.75 9.31
C PRO A 513 -5.94 -29.70 7.83
N ASN A 514 -4.66 -29.68 7.46
CA ASN A 514 -4.29 -29.64 6.04
C ASN A 514 -4.73 -30.92 5.32
N ARG A 515 -4.55 -32.07 5.98
CA ARG A 515 -4.99 -33.36 5.44
C ARG A 515 -5.81 -34.06 6.50
N PRO A 516 -7.09 -33.67 6.67
CA PRO A 516 -7.93 -34.29 7.70
C PRO A 516 -8.20 -35.76 7.48
N ASP A 517 -8.03 -36.26 6.25
CA ASP A 517 -8.24 -37.68 5.99
C ASP A 517 -7.10 -38.54 6.51
N VAL A 518 -5.94 -37.95 6.81
CA VAL A 518 -4.78 -38.67 7.31
C VAL A 518 -4.57 -38.26 8.75
N LEU A 519 -4.56 -39.24 9.65
CA LEU A 519 -4.37 -38.97 11.07
C LEU A 519 -2.93 -38.57 11.35
N VAL A 520 -2.75 -37.69 12.33
CA VAL A 520 -1.42 -37.23 12.72
C VAL A 520 -0.80 -38.18 13.75
N LEU A 521 -1.55 -38.54 14.78
CA LEU A 521 -1.06 -39.41 15.83
C LEU A 521 -2.23 -40.12 16.47
N GLN A 522 -1.93 -41.15 17.25
CA GLN A 522 -2.95 -41.91 17.96
C GLN A 522 -2.33 -42.57 19.18
N GLY A 523 -3.19 -42.96 20.12
CA GLY A 523 -2.74 -43.64 21.32
C GLY A 523 -2.33 -42.72 22.43
N LEU A 524 -3.17 -41.73 22.75
CA LEU A 524 -2.90 -40.79 23.83
C LEU A 524 -3.52 -41.34 25.12
N THR A 525 -2.67 -41.83 26.02
CA THR A 525 -3.13 -42.40 27.28
C THR A 525 -2.54 -41.69 28.50
N PHE A 526 -1.90 -40.54 28.31
CA PHE A 526 -1.31 -39.83 29.43
C PHE A 526 -2.40 -39.18 30.28
N THR A 527 -2.16 -39.15 31.59
CA THR A 527 -3.07 -38.55 32.55
C THR A 527 -2.34 -37.48 33.33
N LEU A 528 -2.90 -36.26 33.36
CA LEU A 528 -2.30 -35.14 34.05
C LEU A 528 -2.58 -35.28 35.55
N ARG A 529 -1.77 -36.10 36.20
CA ARG A 529 -1.94 -36.32 37.62
C ARG A 529 -1.47 -35.10 38.40
N PRO A 530 -2.30 -34.57 39.30
CA PRO A 530 -1.86 -33.43 40.12
C PRO A 530 -0.72 -33.82 41.05
N GLY A 531 0.15 -32.84 41.32
CA GLY A 531 1.32 -33.12 42.11
C GLY A 531 2.38 -33.94 41.40
N GLU A 532 2.33 -33.97 40.07
CA GLU A 532 3.29 -34.74 39.30
C GLU A 532 3.57 -34.01 37.99
N VAL A 533 4.72 -34.33 37.39
CA VAL A 533 5.16 -33.72 36.14
C VAL A 533 5.28 -34.82 35.11
N THR A 534 4.55 -34.69 34.01
CA THR A 534 4.66 -35.61 32.89
C THR A 534 5.76 -35.15 31.94
N ALA A 535 6.17 -36.06 31.06
CA ALA A 535 7.25 -35.77 30.14
C ALA A 535 6.89 -36.26 28.74
N LEU A 536 7.49 -35.63 27.74
CA LEU A 536 7.28 -36.01 26.34
C LEU A 536 8.50 -35.58 25.55
N VAL A 537 9.15 -36.53 24.87
CA VAL A 537 10.33 -36.26 24.08
C VAL A 537 10.45 -37.31 22.99
N GLY A 538 11.15 -36.96 21.92
CA GLY A 538 11.33 -37.86 20.80
C GLY A 538 11.27 -37.15 19.47
N PRO A 539 10.90 -37.87 18.41
CA PRO A 539 10.77 -37.25 17.10
C PRO A 539 9.62 -36.24 17.07
N ASN A 540 9.81 -35.20 16.26
CA ASN A 540 8.78 -34.17 16.12
C ASN A 540 7.57 -34.67 15.34
N GLY A 541 7.71 -35.76 14.61
CA GLY A 541 6.59 -36.33 13.88
C GLY A 541 5.62 -37.14 14.72
N SER A 542 5.90 -37.30 16.01
CA SER A 542 5.02 -38.04 16.89
C SER A 542 3.75 -37.27 17.24
N GLY A 543 3.66 -35.99 16.86
CA GLY A 543 2.49 -35.21 17.19
C GLY A 543 2.51 -34.60 18.58
N LYS A 544 3.70 -34.39 19.14
CA LYS A 544 3.79 -33.77 20.46
C LYS A 544 3.25 -32.36 20.44
N SER A 545 3.56 -31.59 19.40
CA SER A 545 2.93 -30.28 19.23
C SER A 545 1.44 -30.42 19.00
N THR A 546 1.03 -31.44 18.24
CA THR A 546 -0.39 -31.71 18.04
C THR A 546 -1.06 -32.10 19.35
N VAL A 547 -0.38 -32.89 20.19
CA VAL A 547 -0.93 -33.25 21.49
C VAL A 547 -1.07 -32.02 22.37
N ALA A 548 -0.09 -31.11 22.31
CA ALA A 548 -0.17 -29.88 23.07
C ALA A 548 -1.34 -29.01 22.60
N ALA A 549 -1.55 -28.94 21.28
CA ALA A 549 -2.67 -28.18 20.75
C ALA A 549 -4.00 -28.78 21.16
N LEU A 550 -4.09 -30.12 21.14
CA LEU A 550 -5.31 -30.79 21.58
C LEU A 550 -5.56 -30.56 23.06
N LEU A 551 -4.50 -30.53 23.86
CA LEU A 551 -4.65 -30.24 25.29
C LEU A 551 -5.15 -28.82 25.51
N GLN A 552 -4.87 -27.91 24.58
CA GLN A 552 -5.35 -26.54 24.64
C GLN A 552 -6.71 -26.38 23.98
N ASN A 553 -7.36 -27.48 23.60
CA ASN A 553 -8.68 -27.49 22.95
C ASN A 553 -8.68 -26.69 21.65
N LEU A 554 -7.57 -26.72 20.92
CA LEU A 554 -7.51 -26.02 19.65
C LEU A 554 -8.37 -26.72 18.59
N TYR A 555 -8.53 -28.04 18.70
CA TYR A 555 -9.35 -28.79 17.76
C TYR A 555 -9.86 -30.05 18.45
N GLN A 556 -10.94 -30.60 17.89
CA GLN A 556 -11.47 -31.84 18.41
C GLN A 556 -10.60 -33.02 18.01
N PRO A 557 -10.49 -34.04 18.86
CA PRO A 557 -9.72 -35.23 18.49
C PRO A 557 -10.36 -35.98 17.34
N THR A 558 -9.52 -36.61 16.53
CA THR A 558 -9.99 -37.44 15.43
C THR A 558 -10.38 -38.84 15.88
N GLY A 559 -10.05 -39.23 17.10
CA GLY A 559 -10.40 -40.54 17.61
C GLY A 559 -10.08 -40.64 19.07
N GLY A 560 -10.42 -41.80 19.65
CA GLY A 560 -10.18 -42.03 21.05
C GLY A 560 -11.08 -41.18 21.94
N GLN A 561 -10.60 -40.90 23.15
CA GLN A 561 -11.36 -40.12 24.10
C GLN A 561 -10.40 -39.35 25.01
N LEU A 562 -10.93 -38.30 25.62
CA LEU A 562 -10.15 -37.48 26.54
C LEU A 562 -11.09 -36.87 27.57
N LEU A 563 -10.52 -36.47 28.70
CA LEU A 563 -11.30 -35.87 29.78
C LEU A 563 -10.46 -34.82 30.48
N LEU A 564 -11.15 -33.85 31.08
CA LEU A 564 -10.50 -32.80 31.85
C LEU A 564 -11.42 -32.39 32.98
N ASP A 565 -10.99 -32.64 34.22
CA ASP A 565 -11.81 -32.44 35.42
C ASP A 565 -13.12 -33.21 35.32
N GLY A 566 -13.06 -34.43 34.77
CA GLY A 566 -14.22 -35.27 34.62
C GLY A 566 -15.11 -34.96 33.43
N LYS A 567 -14.73 -34.01 32.59
CA LYS A 567 -15.52 -33.60 31.45
C LYS A 567 -14.61 -33.45 30.24
N PRO A 568 -15.16 -33.58 29.03
CA PRO A 568 -14.37 -33.28 27.84
C PRO A 568 -14.05 -31.79 27.74
N LEU A 569 -13.05 -31.49 26.92
CA LEU A 569 -12.63 -30.10 26.73
C LEU A 569 -13.74 -29.20 26.17
N PRO A 570 -14.51 -29.59 25.14
CA PRO A 570 -15.63 -28.72 24.74
C PRO A 570 -16.72 -28.59 25.80
N GLN A 571 -16.83 -29.53 26.71
CA GLN A 571 -17.84 -29.43 27.77
C GLN A 571 -17.54 -28.27 28.71
N TYR A 572 -16.27 -28.04 29.00
CA TYR A 572 -15.90 -26.91 29.84
C TYR A 572 -16.03 -25.59 29.07
N GLU A 573 -16.27 -24.52 29.81
CA GLU A 573 -16.45 -23.20 29.19
C GLU A 573 -15.16 -22.74 28.51
N HIS A 574 -15.32 -22.06 27.37
CA HIS A 574 -14.17 -21.65 26.58
C HIS A 574 -13.28 -20.66 27.34
N ARG A 575 -13.90 -19.69 28.01
CA ARG A 575 -13.13 -18.72 28.78
C ARG A 575 -12.41 -19.39 29.95
N TYR A 576 -13.11 -20.27 30.67
CA TYR A 576 -12.49 -20.98 31.79
C TYR A 576 -11.38 -21.91 31.31
N LEU A 577 -11.61 -22.61 30.19
CA LEU A 577 -10.58 -23.50 29.65
C LEU A 577 -9.34 -22.72 29.21
N HIS A 578 -9.55 -21.58 28.55
CA HIS A 578 -8.40 -20.77 28.12
C HIS A 578 -7.72 -20.10 29.29
N ARG A 579 -8.41 -19.88 30.41
CA ARG A 579 -7.81 -19.25 31.57
C ARG A 579 -7.13 -20.24 32.50
N GLN A 580 -7.51 -21.52 32.46
CA GLN A 580 -6.94 -22.51 33.37
C GLN A 580 -5.96 -23.46 32.71
N VAL A 581 -5.83 -23.43 31.38
CA VAL A 581 -4.92 -24.33 30.67
C VAL A 581 -3.92 -23.52 29.85
N ALA A 582 -3.56 -22.34 30.35
CA ALA A 582 -2.62 -21.48 29.64
C ALA A 582 -1.24 -22.12 29.55
N ALA A 583 -0.57 -21.92 28.42
CA ALA A 583 0.70 -22.56 28.15
C ALA A 583 1.60 -21.62 27.38
N VAL A 584 2.91 -21.85 27.50
CA VAL A 584 3.90 -21.09 26.74
C VAL A 584 3.93 -21.60 25.31
N GLY A 585 4.14 -20.70 24.36
CA GLY A 585 4.14 -21.05 22.96
C GLY A 585 5.43 -21.70 22.52
N GLN A 586 5.45 -22.09 21.25
CA GLN A 586 6.65 -22.67 20.66
C GLN A 586 7.79 -21.66 20.61
N GLU A 587 7.47 -20.41 20.30
CA GLU A 587 8.42 -19.32 20.36
C GLU A 587 7.78 -18.17 21.13
N PRO A 588 8.49 -17.56 22.08
CA PRO A 588 7.89 -16.47 22.85
C PRO A 588 7.64 -15.25 21.98
N GLN A 589 6.46 -14.65 22.16
CA GLN A 589 6.06 -13.46 21.43
C GLN A 589 5.55 -12.41 22.40
N VAL A 590 5.97 -11.16 22.20
CA VAL A 590 5.57 -10.05 23.04
C VAL A 590 4.79 -9.06 22.18
N PHE A 591 3.60 -8.70 22.63
CA PHE A 591 2.76 -7.78 21.89
C PHE A 591 3.34 -6.37 21.93
N GLY A 592 2.77 -5.50 21.09
CA GLY A 592 3.25 -4.13 21.00
C GLY A 592 2.85 -3.22 22.14
N ARG A 593 1.98 -3.70 23.03
CA ARG A 593 1.57 -2.91 24.18
C ARG A 593 2.68 -2.89 25.24
N SER A 594 2.38 -2.31 26.39
CA SER A 594 3.35 -2.26 27.47
C SER A 594 3.52 -3.64 28.09
N LEU A 595 4.62 -3.80 28.84
CA LEU A 595 4.92 -5.07 29.47
C LEU A 595 3.85 -5.44 30.51
N GLN A 596 3.38 -4.45 31.27
CA GLN A 596 2.30 -4.69 32.22
C GLN A 596 1.02 -5.10 31.50
N GLU A 597 0.84 -4.65 30.26
CA GLU A 597 -0.27 -5.10 29.44
C GLU A 597 0.05 -6.38 28.68
N ASN A 598 1.31 -6.59 28.31
CA ASN A 598 1.69 -7.79 27.58
C ASN A 598 1.73 -9.03 28.46
N ILE A 599 1.83 -8.86 29.78
CA ILE A 599 1.92 -9.99 30.69
C ILE A 599 0.53 -10.34 31.23
N ALA A 600 -0.50 -9.70 30.67
CA ALA A 600 -1.86 -9.95 31.10
C ALA A 600 -2.83 -10.04 29.92
N TYR A 601 -2.34 -10.50 28.78
CA TYR A 601 -3.20 -10.63 27.61
C TYR A 601 -4.25 -11.72 27.82
N GLY A 602 -5.48 -11.42 27.41
CA GLY A 602 -6.55 -12.38 27.49
C GLY A 602 -7.21 -12.51 28.84
N LEU A 603 -6.83 -11.70 29.81
CA LEU A 603 -7.45 -11.76 31.13
C LEU A 603 -8.89 -11.27 31.05
N THR A 604 -9.81 -12.04 31.64
CA THR A 604 -11.22 -11.64 31.65
C THR A 604 -11.42 -10.36 32.45
N GLN A 605 -10.73 -10.24 33.57
CA GLN A 605 -10.75 -9.03 34.38
C GLN A 605 -9.31 -8.63 34.69
N LYS A 606 -9.08 -7.33 34.78
CA LYS A 606 -7.73 -6.82 35.03
C LYS A 606 -7.38 -7.02 36.50
N PRO A 607 -6.32 -7.76 36.82
CA PRO A 607 -5.92 -7.90 38.23
C PRO A 607 -5.03 -6.77 38.69
N THR A 608 -4.68 -6.77 39.98
CA THR A 608 -3.82 -5.73 40.53
C THR A 608 -2.38 -5.91 40.03
N MET A 609 -1.64 -4.80 40.01
CA MET A 609 -0.25 -4.83 39.57
C MET A 609 0.65 -5.57 40.56
N GLU A 610 0.22 -5.71 41.82
CA GLU A 610 0.99 -6.49 42.78
C GLU A 610 1.05 -7.95 42.37
N GLU A 611 -0.06 -8.49 41.84
CA GLU A 611 -0.05 -9.86 41.34
C GLU A 611 0.88 -10.00 40.15
N ILE A 612 0.92 -8.99 39.27
CA ILE A 612 1.81 -9.03 38.11
C ILE A 612 3.26 -9.01 38.57
N THR A 613 3.59 -8.17 39.56
CA THR A 613 4.93 -8.14 40.09
C THR A 613 5.31 -9.46 40.75
N ALA A 614 4.36 -10.07 41.48
CA ALA A 614 4.61 -11.36 42.10
C ALA A 614 4.88 -12.44 41.06
N ALA A 615 4.09 -12.45 39.97
CA ALA A 615 4.30 -13.41 38.90
C ALA A 615 5.65 -13.19 38.21
N ALA A 616 6.02 -11.93 37.98
CA ALA A 616 7.30 -11.64 37.37
C ALA A 616 8.46 -12.08 38.25
N VAL A 617 8.32 -11.89 39.57
CA VAL A 617 9.34 -12.35 40.49
C VAL A 617 9.41 -13.88 40.52
N LYS A 618 8.25 -14.53 40.41
CA LYS A 618 8.21 -15.99 40.36
C LYS A 618 8.91 -16.52 39.10
N SER A 619 8.69 -15.86 37.97
CA SER A 619 9.37 -16.22 36.74
C SER A 619 10.75 -15.61 36.62
N GLY A 620 11.14 -14.75 37.56
CA GLY A 620 12.43 -14.10 37.51
C GLY A 620 12.52 -12.92 36.58
N ALA A 621 11.41 -12.53 35.94
CA ALA A 621 11.41 -11.42 35.01
C ALA A 621 11.19 -10.06 35.68
N HIS A 622 11.02 -10.04 37.01
CA HIS A 622 10.81 -8.78 37.71
C HIS A 622 12.03 -7.88 37.61
N SER A 623 13.23 -8.46 37.74
CA SER A 623 14.45 -7.67 37.62
C SER A 623 14.63 -7.13 36.20
N PHE A 624 14.32 -7.95 35.20
CA PHE A 624 14.42 -7.49 33.82
C PHE A 624 13.41 -6.38 33.52
N ILE A 625 12.20 -6.50 34.09
CA ILE A 625 11.19 -5.45 33.91
C ILE A 625 11.63 -4.17 34.60
N SER A 626 12.19 -4.29 35.80
CA SER A 626 12.66 -3.10 36.53
C SER A 626 13.87 -2.47 35.86
N GLY A 627 14.64 -3.24 35.11
CA GLY A 627 15.75 -2.67 34.35
C GLY A 627 15.29 -1.70 33.29
N LEU A 628 14.14 -1.96 32.68
CA LEU A 628 13.56 -1.03 31.74
C LEU A 628 13.06 0.21 32.48
N PRO A 629 13.03 1.37 31.81
CA PRO A 629 12.51 2.58 32.46
C PRO A 629 11.03 2.45 32.79
N GLN A 630 10.61 3.18 33.82
CA GLN A 630 9.24 3.21 34.32
C GLN A 630 8.74 1.84 34.79
N GLY A 631 9.67 0.97 35.19
CA GLY A 631 9.27 -0.32 35.75
C GLY A 631 8.61 -1.22 34.74
N TYR A 632 7.64 -2.00 35.22
CA TYR A 632 6.91 -2.94 34.37
C TYR A 632 5.94 -2.25 33.41
N ASP A 633 5.72 -0.95 33.57
CA ASP A 633 4.85 -0.19 32.67
C ASP A 633 5.58 0.30 31.43
N THR A 634 6.77 -0.21 31.17
CA THR A 634 7.53 0.19 29.99
C THR A 634 6.84 -0.29 28.72
N GLU A 635 6.82 0.57 27.70
CA GLU A 635 6.27 0.18 26.41
C GLU A 635 7.21 -0.82 25.74
N VAL A 636 6.65 -1.93 25.26
CA VAL A 636 7.42 -3.00 24.65
C VAL A 636 7.30 -2.90 23.14
N ASP A 637 8.43 -3.01 22.46
CA ASP A 637 8.44 -2.98 21.01
C ASP A 637 7.74 -4.21 20.44
N GLU A 638 7.19 -4.06 19.24
CA GLU A 638 6.42 -5.13 18.63
C GLU A 638 7.31 -6.32 18.25
N ALA A 639 6.71 -7.51 18.27
CA ALA A 639 7.36 -8.76 17.86
C ALA A 639 8.60 -9.06 18.71
N GLY A 640 8.54 -8.73 19.98
CA GLY A 640 9.62 -9.06 20.90
C GLY A 640 10.91 -8.31 20.67
N SER A 641 10.83 -7.11 20.09
CA SER A 641 12.02 -6.31 19.82
C SER A 641 12.44 -5.45 21.01
N GLN A 642 11.69 -5.50 22.11
CA GLN A 642 12.04 -4.68 23.28
C GLN A 642 13.24 -5.24 24.03
N LEU A 643 13.39 -6.56 24.05
CA LEU A 643 14.46 -7.20 24.83
C LEU A 643 14.90 -8.47 24.12
N SER A 644 15.64 -9.31 24.83
CA SER A 644 16.22 -10.51 24.26
C SER A 644 15.21 -11.66 24.28
N GLY A 645 15.61 -12.77 23.63
CA GLY A 645 14.76 -13.94 23.59
C GLY A 645 14.55 -14.59 24.94
N GLY A 646 15.58 -14.59 25.78
CA GLY A 646 15.43 -15.10 27.13
C GLY A 646 14.47 -14.27 27.95
N GLN A 647 14.52 -12.94 27.77
CA GLN A 647 13.55 -12.08 28.44
C GLN A 647 12.14 -12.34 27.95
N ARG A 648 11.99 -12.60 26.64
CA ARG A 648 10.68 -12.93 26.10
C ARG A 648 10.16 -14.26 26.67
N GLN A 649 11.04 -15.25 26.81
CA GLN A 649 10.64 -16.52 27.40
C GLN A 649 10.25 -16.34 28.87
N ALA A 650 10.99 -15.51 29.60
CA ALA A 650 10.64 -15.22 30.98
C ALA A 650 9.29 -14.51 31.07
N VAL A 651 9.03 -13.60 30.13
CA VAL A 651 7.76 -12.90 30.10
C VAL A 651 6.61 -13.88 29.82
N ALA A 652 6.85 -14.82 28.90
CA ALA A 652 5.83 -15.83 28.61
C ALA A 652 5.57 -16.72 29.82
N LEU A 653 6.64 -17.10 30.53
CA LEU A 653 6.47 -17.90 31.74
C LEU A 653 5.70 -17.12 32.81
N ALA A 654 6.00 -15.83 32.95
CA ALA A 654 5.28 -15.00 33.91
C ALA A 654 3.81 -14.87 33.53
N ARG A 655 3.52 -14.70 32.23
CA ARG A 655 2.14 -14.61 31.79
C ARG A 655 1.39 -15.91 32.04
N ALA A 656 2.06 -17.04 31.84
CA ALA A 656 1.44 -18.33 32.14
C ALA A 656 1.20 -18.47 33.64
N LEU A 657 2.14 -18.04 34.47
CA LEU A 657 2.00 -18.21 35.92
C LEU A 657 0.94 -17.28 36.50
N ILE A 658 0.79 -16.08 35.93
CA ILE A 658 -0.15 -15.11 36.47
C ILE A 658 -1.59 -15.57 36.31
N ARG A 659 -1.87 -16.37 35.27
CA ARG A 659 -3.22 -16.86 35.06
C ARG A 659 -3.63 -17.92 36.08
N LYS A 660 -2.68 -18.44 36.87
CA LYS A 660 -2.88 -19.50 37.85
C LYS A 660 -3.54 -20.71 37.19
N PRO A 661 -2.84 -21.40 36.30
CA PRO A 661 -3.49 -22.46 35.52
C PRO A 661 -3.72 -23.71 36.35
N CYS A 662 -4.68 -24.51 35.89
CA CYS A 662 -4.94 -25.80 36.51
C CYS A 662 -4.01 -26.87 35.98
N VAL A 663 -3.69 -26.82 34.70
CA VAL A 663 -2.77 -27.78 34.08
C VAL A 663 -1.83 -27.03 33.14
N LEU A 664 -0.62 -26.76 33.61
CA LEU A 664 0.36 -26.06 32.78
C LEU A 664 0.85 -26.96 31.67
N ILE A 665 0.84 -26.45 30.45
CA ILE A 665 1.30 -27.22 29.29
C ILE A 665 2.48 -26.49 28.67
N LEU A 666 3.29 -25.84 29.50
CA LEU A 666 4.41 -25.04 29.00
C LEU A 666 5.47 -25.93 28.38
N ASP A 667 5.88 -25.59 27.17
CA ASP A 667 6.85 -26.38 26.43
C ASP A 667 7.49 -25.51 25.35
N ASP A 668 8.62 -25.98 24.85
CA ASP A 668 9.39 -25.34 23.77
C ASP A 668 9.83 -23.93 24.12
N ALA A 669 9.96 -23.62 25.41
CA ALA A 669 10.39 -22.29 25.85
C ALA A 669 11.87 -22.27 26.23
N THR A 670 12.27 -23.12 27.18
CA THR A 670 13.66 -23.17 27.60
C THR A 670 14.57 -23.86 26.61
N SER A 671 14.01 -24.68 25.72
CA SER A 671 14.81 -25.34 24.69
C SER A 671 15.41 -24.33 23.72
N ALA A 672 14.63 -23.31 23.35
CA ALA A 672 15.10 -22.25 22.46
C ALA A 672 15.67 -21.05 23.20
N LEU A 673 15.67 -21.08 24.54
CA LEU A 673 16.17 -19.97 25.35
C LEU A 673 17.62 -20.24 25.75
N ASP A 674 18.15 -19.38 26.62
CA ASP A 674 19.52 -19.50 27.07
C ASP A 674 19.65 -20.61 28.11
N ALA A 675 20.91 -21.01 28.35
CA ALA A 675 21.18 -22.05 29.34
C ALA A 675 20.84 -21.58 30.75
N ASN A 676 21.17 -20.32 31.08
CA ASN A 676 20.81 -19.78 32.39
C ASN A 676 19.30 -19.68 32.55
N SER A 677 18.60 -19.25 31.49
CA SER A 677 17.15 -19.19 31.54
C SER A 677 16.56 -20.59 31.69
N GLN A 678 17.14 -21.58 31.00
CA GLN A 678 16.66 -22.95 31.13
C GLN A 678 16.88 -23.48 32.54
N LEU A 679 18.03 -23.16 33.14
CA LEU A 679 18.29 -23.58 34.51
C LEU A 679 17.32 -22.92 35.49
N GLN A 680 17.04 -21.63 35.29
CA GLN A 680 16.07 -20.94 36.15
C GLN A 680 14.68 -21.53 35.99
N VAL A 681 14.28 -21.85 34.76
CA VAL A 681 12.97 -22.45 34.52
C VAL A 681 12.87 -23.82 35.18
N GLU A 682 13.93 -24.63 35.07
CA GLU A 682 13.93 -25.94 35.69
C GLU A 682 13.88 -25.83 37.21
N GLN A 683 14.62 -24.87 37.78
CA GLN A 683 14.58 -24.66 39.22
C GLN A 683 13.21 -24.22 39.69
N LEU A 684 12.56 -23.33 38.92
CA LEU A 684 11.20 -22.90 39.27
C LEU A 684 10.21 -24.05 39.17
N LEU A 685 10.36 -24.90 38.15
CA LEU A 685 9.47 -26.05 37.98
C LEU A 685 9.67 -27.05 39.11
N TYR A 686 10.91 -27.29 39.53
CA TYR A 686 11.16 -28.22 40.62
C TYR A 686 10.80 -27.64 41.98
N GLU A 687 10.71 -26.32 42.10
CA GLU A 687 10.36 -25.66 43.35
C GLU A 687 8.91 -25.18 43.36
N SER A 688 8.02 -25.90 42.71
CA SER A 688 6.61 -25.55 42.73
C SER A 688 6.02 -25.87 44.10
N PRO A 689 5.38 -24.93 44.77
CA PRO A 689 4.88 -25.16 46.12
C PRO A 689 3.55 -25.92 46.11
N GLU A 690 3.02 -26.15 47.31
CA GLU A 690 1.74 -26.83 47.52
C GLU A 690 1.73 -28.21 46.88
N ARG A 691 2.78 -28.99 47.14
CA ARG A 691 3.01 -30.31 46.54
C ARG A 691 2.91 -30.23 45.02
N TYR A 692 3.68 -29.27 44.46
CA TYR A 692 3.79 -28.96 43.04
C TYR A 692 2.52 -28.28 42.51
N SER A 693 1.48 -28.18 43.34
CA SER A 693 0.22 -27.51 43.02
C SER A 693 -0.37 -27.98 41.70
N ARG A 694 -0.24 -27.16 40.67
CA ARG A 694 -0.74 -27.49 39.35
C ARG A 694 0.27 -28.36 38.60
N SER A 695 -0.22 -29.40 37.93
CA SER A 695 0.65 -30.30 37.19
C SER A 695 1.22 -29.61 35.95
N VAL A 696 2.24 -30.25 35.37
CA VAL A 696 2.93 -29.73 34.20
C VAL A 696 3.10 -30.85 33.18
N LEU A 697 3.45 -30.46 31.95
CA LEU A 697 3.74 -31.41 30.87
C LEU A 697 4.97 -30.88 30.13
N LEU A 698 6.15 -31.33 30.57
CA LEU A 698 7.41 -30.86 30.01
C LEU A 698 7.64 -31.55 28.67
N ILE A 699 7.58 -30.79 27.59
CA ILE A 699 7.83 -31.33 26.26
C ILE A 699 8.99 -30.59 25.62
N THR A 700 9.90 -30.08 26.45
CA THR A 700 11.06 -29.35 25.96
C THR A 700 12.12 -30.33 25.45
N GLN A 701 13.11 -29.77 24.75
CA GLN A 701 14.19 -30.59 24.20
C GLN A 701 15.27 -30.94 25.22
N HIS A 702 15.28 -30.29 26.37
CA HIS A 702 16.29 -30.55 27.40
C HIS A 702 15.84 -31.74 28.23
N LEU A 703 16.48 -32.89 28.00
CA LEU A 703 16.14 -34.11 28.73
C LEU A 703 16.69 -34.14 30.14
N SER A 704 17.57 -33.20 30.51
CA SER A 704 18.12 -33.18 31.85
C SER A 704 17.04 -32.86 32.89
N LEU A 705 16.12 -31.95 32.55
CA LEU A 705 15.04 -31.60 33.47
C LEU A 705 14.02 -32.69 33.63
N VAL A 706 14.03 -33.72 32.77
CA VAL A 706 13.06 -34.80 32.85
C VAL A 706 13.35 -35.79 33.97
N GLU A 707 14.44 -35.59 34.72
CA GLU A 707 14.78 -36.50 35.81
C GLU A 707 13.80 -36.41 36.97
N GLN A 708 13.08 -35.30 37.11
CA GLN A 708 12.13 -35.11 38.19
C GLN A 708 10.72 -35.52 37.81
N ALA A 709 10.52 -36.07 36.61
CA ALA A 709 9.19 -36.46 36.18
C ALA A 709 8.71 -37.69 36.95
N ASP A 710 7.52 -37.59 37.53
CA ASP A 710 6.97 -38.72 38.29
C ASP A 710 6.56 -39.85 37.35
N HIS A 711 5.84 -39.52 36.27
CA HIS A 711 5.41 -40.50 35.28
C HIS A 711 5.84 -39.96 33.91
N ILE A 712 7.07 -40.24 33.53
CA ILE A 712 7.59 -39.76 32.26
C ILE A 712 7.02 -40.59 31.11
N LEU A 713 7.12 -40.05 29.90
CA LEU A 713 6.62 -40.74 28.71
C LEU A 713 7.36 -40.20 27.49
N PHE A 714 7.33 -40.98 26.43
CA PHE A 714 7.94 -40.60 25.16
C PHE A 714 7.10 -41.14 24.02
N LEU A 715 7.16 -40.46 22.88
CA LEU A 715 6.38 -40.86 21.71
C LEU A 715 7.28 -40.82 20.48
N GLU A 716 6.94 -41.66 19.50
CA GLU A 716 7.69 -41.73 18.26
C GLU A 716 6.80 -42.30 17.17
N GLY A 717 6.77 -41.62 16.03
CA GLY A 717 5.98 -42.08 14.90
C GLY A 717 4.48 -42.08 15.12
N GLY A 718 3.94 -41.06 15.77
CA GLY A 718 2.52 -40.96 15.99
C GLY A 718 1.97 -41.81 17.10
N ALA A 719 2.83 -42.43 17.92
CA ALA A 719 2.39 -43.26 19.03
C ALA A 719 3.46 -43.29 20.10
N ILE A 720 3.07 -43.70 21.30
CA ILE A 720 3.99 -43.75 22.42
C ILE A 720 5.03 -44.84 22.21
N ARG A 721 6.23 -44.63 22.75
CA ARG A 721 7.32 -45.58 22.63
C ARG A 721 8.05 -45.88 23.93
N GLU A 722 7.86 -45.08 24.98
CA GLU A 722 8.54 -45.30 26.24
C GLU A 722 7.75 -44.63 27.36
N GLY A 723 8.07 -45.02 28.58
CA GLY A 723 7.40 -44.45 29.74
C GLY A 723 7.99 -45.01 31.02
N GLY A 724 7.49 -44.47 32.14
CA GLY A 724 7.93 -44.92 33.45
C GLY A 724 8.95 -44.01 34.09
N THR A 725 9.76 -44.56 34.98
CA THR A 725 10.80 -43.79 35.64
C THR A 725 11.92 -43.45 34.67
N HIS A 726 12.62 -42.34 34.95
CA HIS A 726 13.74 -41.93 34.10
C HIS A 726 14.86 -42.96 34.13
N GLN A 727 15.18 -43.48 35.32
CA GLN A 727 16.15 -44.56 35.40
C GLN A 727 15.64 -45.82 34.71
N GLN A 728 14.35 -46.13 34.88
CA GLN A 728 13.75 -47.25 34.18
C GLN A 728 13.73 -47.02 32.67
N LEU A 729 13.51 -45.77 32.24
CA LEU A 729 13.56 -45.45 30.82
C LEU A 729 14.97 -45.64 30.26
N MET A 730 15.99 -45.24 31.03
CA MET A 730 17.37 -45.46 30.61
C MET A 730 17.69 -46.95 30.56
N GLU A 731 17.19 -47.73 31.52
CA GLU A 731 17.45 -49.16 31.56
C GLU A 731 16.64 -49.95 30.54
N LYS A 732 15.73 -49.30 29.83
CA LYS A 732 14.90 -49.97 28.83
C LYS A 732 15.71 -50.14 27.54
N LYS A 733 15.01 -50.48 26.44
CA LYS A 733 15.64 -50.62 25.14
C LYS A 733 14.86 -49.88 24.05
N GLY A 734 14.09 -48.87 24.42
CA GLY A 734 13.25 -48.13 23.49
C GLY A 734 13.87 -46.82 23.04
N CYS A 735 13.00 -45.87 22.69
CA CYS A 735 13.48 -44.56 22.24
C CYS A 735 14.14 -43.79 23.38
N TYR A 736 13.63 -43.95 24.61
CA TYR A 736 14.26 -43.32 25.76
C TYR A 736 15.65 -43.88 26.00
N TRP A 737 15.83 -45.19 25.81
CA TRP A 737 17.16 -45.78 25.92
C TRP A 737 18.09 -45.26 24.83
N ALA A 738 17.56 -45.06 23.62
CA ALA A 738 18.37 -44.50 22.54
C ALA A 738 18.79 -43.07 22.85
N MET A 739 17.90 -42.29 23.44
CA MET A 739 18.24 -40.93 23.84
C MET A 739 19.26 -40.93 24.98
N VAL A 740 19.13 -41.86 25.92
CA VAL A 740 20.08 -41.96 27.02
C VAL A 740 21.46 -42.35 26.50
N GLN A 741 21.51 -43.30 25.57
CA GLN A 741 22.79 -43.71 24.99
C GLN A 741 23.36 -42.66 24.05
N ALA A 742 22.55 -41.69 23.63
CA ALA A 742 23.04 -40.62 22.75
C ALA A 742 23.72 -39.53 23.57
N GLN B 131 10.03 31.08 -2.18
CA GLN B 131 11.31 30.77 -1.57
C GLN B 131 12.32 30.34 -2.63
N VAL B 132 13.61 30.43 -2.29
CA VAL B 132 14.67 30.13 -3.25
C VAL B 132 14.70 28.64 -3.58
N ASN B 133 14.45 27.79 -2.60
CA ASN B 133 14.46 26.35 -2.84
C ASN B 133 13.35 25.94 -3.79
N ASN B 134 12.16 26.53 -3.64
CA ASN B 134 11.08 26.25 -4.57
C ASN B 134 11.42 26.74 -5.97
N LYS B 135 12.08 27.89 -6.08
CA LYS B 135 12.47 28.42 -7.38
C LYS B 135 13.46 27.50 -8.08
N VAL B 136 14.49 27.04 -7.35
CA VAL B 136 15.47 26.16 -7.99
C VAL B 136 14.86 24.79 -8.27
N LEU B 137 13.91 24.34 -7.46
CA LEU B 137 13.24 23.08 -7.73
C LEU B 137 12.40 23.16 -9.00
N MET B 138 11.66 24.26 -9.17
CA MET B 138 10.88 24.40 -10.40
C MET B 138 11.78 24.61 -11.60
N TRP B 139 12.95 25.24 -11.42
CA TRP B 139 13.90 25.36 -12.50
C TRP B 139 14.44 24.00 -12.91
N ARG B 140 14.72 23.13 -11.92
CA ARG B 140 15.18 21.79 -12.23
C ARG B 140 14.09 20.97 -12.91
N LEU B 141 12.82 21.17 -12.50
CA LEU B 141 11.72 20.49 -13.16
C LEU B 141 11.59 20.93 -14.62
N LEU B 142 11.77 22.24 -14.88
CA LEU B 142 11.74 22.72 -16.26
C LEU B 142 12.91 22.16 -17.05
N LYS B 143 14.09 22.07 -16.43
CA LYS B 143 15.23 21.49 -17.13
C LYS B 143 15.01 20.02 -17.44
N LEU B 144 14.32 19.31 -16.56
CA LEU B 144 13.96 17.92 -16.83
C LEU B 144 12.93 17.83 -17.96
N SER B 145 12.01 18.78 -18.02
CA SER B 145 11.00 18.79 -19.07
C SER B 145 11.52 19.31 -20.40
N ARG B 146 12.71 19.89 -20.41
CA ARG B 146 13.29 20.45 -21.64
C ARG B 146 13.34 19.51 -22.85
N PRO B 147 13.69 18.21 -22.75
CA PRO B 147 13.72 17.38 -23.96
C PRO B 147 12.36 17.10 -24.61
N ASP B 148 11.27 17.68 -24.11
CA ASP B 148 9.95 17.52 -24.73
C ASP B 148 9.35 18.88 -25.09
N LEU B 149 10.17 19.76 -25.65
CA LEU B 149 9.69 21.08 -26.05
C LEU B 149 8.62 21.06 -27.15
N PRO B 150 8.75 20.28 -28.25
CA PRO B 150 7.69 20.33 -29.26
C PRO B 150 6.32 19.93 -28.75
N LEU B 151 6.24 18.92 -27.89
CA LEU B 151 4.95 18.56 -27.29
C LEU B 151 4.41 19.70 -26.45
N LEU B 152 5.29 20.38 -25.72
CA LEU B 152 4.86 21.50 -24.88
C LEU B 152 4.28 22.63 -25.72
N VAL B 153 4.96 23.01 -26.81
CA VAL B 153 4.45 24.14 -27.59
C VAL B 153 3.19 23.75 -28.34
N ALA B 154 3.09 22.50 -28.81
CA ALA B 154 1.87 22.06 -29.46
C ALA B 154 0.69 22.07 -28.49
N ALA B 155 0.91 21.58 -27.27
CA ALA B 155 -0.15 21.58 -26.27
C ALA B 155 -0.54 23.00 -25.88
N PHE B 156 0.43 23.90 -25.76
CA PHE B 156 0.11 25.30 -25.45
C PHE B 156 -0.71 25.95 -26.55
N PHE B 157 -0.34 25.70 -27.81
CA PHE B 157 -1.09 26.26 -28.93
C PHE B 157 -2.51 25.73 -28.96
N PHE B 158 -2.67 24.42 -28.76
CA PHE B 158 -4.02 23.86 -28.72
C PHE B 158 -4.81 24.38 -27.53
N LEU B 159 -4.14 24.65 -26.41
CA LEU B 159 -4.80 25.24 -25.25
C LEU B 159 -5.36 26.62 -25.57
N VAL B 160 -4.56 27.45 -26.23
CA VAL B 160 -5.04 28.79 -26.59
C VAL B 160 -6.19 28.69 -27.58
N LEU B 161 -6.07 27.79 -28.57
CA LEU B 161 -7.14 27.62 -29.54
C LEU B 161 -8.43 27.13 -28.90
N ALA B 162 -8.32 26.32 -27.84
CA ALA B 162 -9.52 25.87 -27.14
C ALA B 162 -10.14 27.00 -26.32
N VAL B 163 -9.30 27.75 -25.59
CA VAL B 163 -9.83 28.76 -24.68
C VAL B 163 -10.47 29.91 -25.45
N LEU B 164 -9.96 30.24 -26.65
CA LEU B 164 -10.57 31.30 -27.43
C LEU B 164 -12.01 30.97 -27.81
N GLY B 165 -12.22 29.77 -28.39
CA GLY B 165 -13.56 29.38 -28.77
C GLY B 165 -14.49 29.20 -27.59
N GLU B 166 -13.96 28.64 -26.49
CA GLU B 166 -14.78 28.43 -25.31
C GLU B 166 -15.24 29.76 -24.72
N THR B 167 -14.38 30.78 -24.75
CA THR B 167 -14.81 32.11 -24.34
C THR B 167 -15.82 32.70 -25.32
N LEU B 168 -15.62 32.44 -26.62
CA LEU B 168 -16.39 33.17 -27.62
C LEU B 168 -17.82 32.66 -27.77
N ILE B 169 -18.09 31.37 -27.50
CA ILE B 169 -19.39 30.79 -27.85
C ILE B 169 -20.60 31.46 -27.18
N PRO B 170 -20.63 31.71 -25.86
CA PRO B 170 -21.88 32.22 -25.27
C PRO B 170 -22.27 33.60 -25.75
N HIS B 171 -21.30 34.41 -26.19
CA HIS B 171 -21.62 35.70 -26.78
C HIS B 171 -22.43 35.50 -28.07
N TYR B 172 -22.03 34.54 -28.89
CA TYR B 172 -22.81 34.23 -30.08
C TYR B 172 -24.16 33.62 -29.72
N SER B 173 -24.25 32.93 -28.58
CA SER B 173 -25.56 32.43 -28.14
C SER B 173 -26.50 33.58 -27.80
N GLY B 174 -25.98 34.58 -27.09
CA GLY B 174 -26.75 35.79 -26.85
C GLY B 174 -27.11 36.50 -28.13
N ARG B 175 -26.22 36.47 -29.12
CA ARG B 175 -26.52 37.03 -30.44
C ARG B 175 -27.69 36.30 -31.08
N VAL B 176 -27.72 34.96 -30.96
CA VAL B 176 -28.83 34.18 -31.51
C VAL B 176 -30.14 34.58 -30.84
N ILE B 177 -30.12 34.70 -29.52
CA ILE B 177 -31.34 35.06 -28.79
C ILE B 177 -31.80 36.46 -29.19
N ASP B 178 -30.85 37.39 -29.35
CA ASP B 178 -31.21 38.74 -29.76
C ASP B 178 -31.77 38.77 -31.19
N ILE B 179 -31.25 37.91 -32.06
CA ILE B 179 -31.78 37.79 -33.41
C ILE B 179 -33.24 37.30 -33.35
N LEU B 180 -33.50 36.30 -32.52
CA LEU B 180 -34.85 35.76 -32.42
C LEU B 180 -35.81 36.75 -31.77
N GLY B 181 -35.32 37.59 -30.86
CA GLY B 181 -36.21 38.49 -30.15
C GLY B 181 -36.82 39.56 -31.03
N GLY B 182 -36.04 40.11 -31.94
CA GLY B 182 -36.48 41.17 -32.83
C GLY B 182 -37.09 40.63 -34.11
N ASP B 183 -36.97 41.42 -35.17
CA ASP B 183 -37.46 41.01 -36.48
C ASP B 183 -36.64 39.84 -37.01
N PHE B 184 -37.30 38.97 -37.77
CA PHE B 184 -36.67 37.75 -38.26
C PHE B 184 -35.75 38.07 -39.42
N ASP B 185 -34.46 37.77 -39.26
CA ASP B 185 -33.46 37.93 -40.31
C ASP B 185 -32.87 36.57 -40.63
N PRO B 186 -33.27 35.93 -41.73
CA PRO B 186 -32.72 34.60 -42.05
C PRO B 186 -31.22 34.61 -42.28
N HIS B 187 -30.67 35.68 -42.85
CA HIS B 187 -29.22 35.76 -43.05
C HIS B 187 -28.48 35.80 -41.73
N ALA B 188 -28.92 36.63 -40.79
CA ALA B 188 -28.27 36.73 -39.50
C ALA B 188 -28.40 35.44 -38.71
N PHE B 189 -29.57 34.81 -38.75
CA PHE B 189 -29.77 33.54 -38.05
C PHE B 189 -28.89 32.43 -38.63
N ALA B 190 -28.81 32.36 -39.96
CA ALA B 190 -27.97 31.36 -40.61
C ALA B 190 -26.50 31.59 -40.28
N SER B 191 -26.07 32.85 -40.30
CA SER B 191 -24.68 33.17 -39.97
C SER B 191 -24.36 32.80 -38.53
N ALA B 192 -25.27 33.12 -37.60
CA ALA B 192 -25.04 32.80 -36.19
C ALA B 192 -24.99 31.29 -35.97
N ILE B 193 -25.87 30.54 -36.62
CA ILE B 193 -25.86 29.09 -36.47
C ILE B 193 -24.61 28.49 -37.09
N PHE B 194 -24.16 29.03 -38.22
CA PHE B 194 -22.92 28.54 -38.84
C PHE B 194 -21.72 28.81 -37.94
N PHE B 195 -21.68 29.97 -37.29
CA PHE B 195 -20.59 30.27 -36.38
C PHE B 195 -20.65 29.40 -35.13
N MET B 196 -21.87 29.08 -34.66
CA MET B 196 -22.05 28.03 -33.67
C MET B 196 -21.40 26.72 -34.09
N CYS B 197 -21.73 26.23 -35.28
CA CYS B 197 -21.21 24.93 -35.70
C CYS B 197 -19.69 24.95 -35.81
N LEU B 198 -19.15 26.01 -36.39
CA LEU B 198 -17.70 26.10 -36.58
C LEU B 198 -16.97 26.20 -35.25
N PHE B 199 -17.41 27.11 -34.37
CA PHE B 199 -16.74 27.26 -33.08
C PHE B 199 -16.96 26.05 -32.19
N SER B 200 -18.09 25.36 -32.33
CA SER B 200 -18.33 24.15 -31.56
C SER B 200 -17.36 23.05 -31.97
N PHE B 201 -17.21 22.85 -33.28
CA PHE B 201 -16.26 21.83 -33.75
C PHE B 201 -14.84 22.22 -33.36
N GLY B 202 -14.50 23.50 -33.44
CA GLY B 202 -13.16 23.93 -33.09
C GLY B 202 -12.85 23.74 -31.61
N SER B 203 -13.80 24.09 -30.73
CA SER B 203 -13.55 23.95 -29.31
C SER B 203 -13.60 22.49 -28.86
N SER B 204 -14.40 21.66 -29.54
CA SER B 204 -14.40 20.23 -29.21
C SER B 204 -13.12 19.56 -29.68
N LEU B 205 -12.64 19.92 -30.87
CA LEU B 205 -11.45 19.28 -31.42
C LEU B 205 -10.19 19.75 -30.72
N SER B 206 -10.08 21.06 -30.45
CA SER B 206 -8.84 21.60 -29.91
C SER B 206 -8.63 21.22 -28.45
N ALA B 207 -9.70 20.92 -27.72
CA ALA B 207 -9.54 20.51 -26.33
C ALA B 207 -9.07 19.06 -26.22
N GLY B 208 -9.48 18.20 -27.15
CA GLY B 208 -9.10 16.80 -27.06
C GLY B 208 -7.62 16.56 -27.32
N CYS B 209 -7.06 17.24 -28.32
CA CYS B 209 -5.66 17.04 -28.66
C CYS B 209 -4.73 17.53 -27.56
N ARG B 210 -5.12 18.60 -26.86
CA ARG B 210 -4.31 19.12 -25.77
C ARG B 210 -4.17 18.09 -24.65
N GLY B 211 -5.26 17.38 -24.34
CA GLY B 211 -5.17 16.36 -23.31
C GLY B 211 -4.26 15.21 -23.69
N GLY B 212 -4.32 14.78 -24.95
CA GLY B 212 -3.45 13.70 -25.40
C GLY B 212 -1.98 14.10 -25.39
N CYS B 213 -1.69 15.30 -25.89
CA CYS B 213 -0.31 15.78 -25.87
C CYS B 213 0.20 15.92 -24.43
N PHE B 214 -0.64 16.42 -23.53
CA PHE B 214 -0.21 16.63 -22.16
C PHE B 214 -0.02 15.32 -21.42
N THR B 215 -0.87 14.31 -21.67
CA THR B 215 -0.65 13.04 -21.01
C THR B 215 0.56 12.30 -21.59
N TYR B 216 0.85 12.50 -22.88
CA TYR B 216 2.09 11.96 -23.42
C TYR B 216 3.30 12.61 -22.77
N THR B 217 3.26 13.94 -22.58
CA THR B 217 4.34 14.63 -21.89
C THR B 217 4.46 14.15 -20.45
N MET B 218 3.33 13.94 -19.79
CA MET B 218 3.30 13.37 -18.44
C MET B 218 4.05 12.05 -18.37
N SER B 219 3.72 11.14 -19.28
CA SER B 219 4.35 9.83 -19.27
C SER B 219 5.84 9.92 -19.57
N ARG B 220 6.22 10.79 -20.52
CA ARG B 220 7.64 10.93 -20.84
C ARG B 220 8.43 11.45 -19.64
N ILE B 221 7.88 12.46 -18.95
CA ILE B 221 8.56 12.98 -17.76
C ILE B 221 8.65 11.93 -16.68
N ASN B 222 7.56 11.17 -16.47
CA ASN B 222 7.56 10.14 -15.44
C ASN B 222 8.60 9.06 -15.73
N LEU B 223 8.67 8.61 -16.99
CA LEU B 223 9.64 7.58 -17.34
C LEU B 223 11.07 8.09 -17.19
N ARG B 224 11.33 9.31 -17.65
CA ARG B 224 12.68 9.87 -17.54
C ARG B 224 13.11 10.00 -16.09
N ILE B 225 12.22 10.51 -15.23
CA ILE B 225 12.61 10.69 -13.85
C ILE B 225 12.75 9.34 -13.13
N ARG B 226 11.94 8.35 -13.50
CA ARG B 226 12.10 7.02 -12.91
C ARG B 226 13.45 6.43 -13.26
N GLU B 227 13.82 6.51 -14.55
CA GLU B 227 15.11 5.97 -14.98
C GLU B 227 16.27 6.69 -14.32
N GLN B 228 16.21 8.02 -14.24
CA GLN B 228 17.29 8.77 -13.63
C GLN B 228 17.40 8.46 -12.14
N LEU B 229 16.26 8.36 -11.45
CA LEU B 229 16.29 8.08 -10.02
C LEU B 229 16.86 6.69 -9.74
N PHE B 230 16.45 5.69 -10.52
CA PHE B 230 17.01 4.35 -10.32
C PHE B 230 18.50 4.32 -10.61
N SER B 231 18.93 5.01 -11.69
CA SER B 231 20.34 5.01 -12.04
C SER B 231 21.18 5.70 -10.97
N SER B 232 20.66 6.78 -10.39
CA SER B 232 21.41 7.45 -9.32
C SER B 232 21.36 6.65 -8.02
N LEU B 233 20.29 5.88 -7.81
CA LEU B 233 20.22 5.08 -6.59
C LEU B 233 21.11 3.86 -6.66
N LEU B 234 21.41 3.37 -7.86
CA LEU B 234 22.20 2.14 -7.98
C LEU B 234 23.62 2.34 -7.47
N ARG B 235 24.22 3.50 -7.73
CA ARG B 235 25.64 3.69 -7.48
C ARG B 235 25.97 4.11 -6.06
N GLN B 236 25.00 4.24 -5.19
CA GLN B 236 25.27 4.69 -3.83
C GLN B 236 25.92 3.58 -3.00
N ASP B 237 26.51 3.97 -1.89
CA ASP B 237 27.25 3.04 -1.04
C ASP B 237 26.30 2.10 -0.30
N LEU B 238 26.88 1.03 0.25
CA LEU B 238 26.08 0.00 0.90
C LEU B 238 25.47 0.50 2.21
N GLY B 239 26.18 1.37 2.93
CA GLY B 239 25.68 1.85 4.20
C GLY B 239 24.42 2.68 4.07
N PHE B 240 24.25 3.38 2.94
CA PHE B 240 23.03 4.14 2.71
C PHE B 240 21.81 3.23 2.65
N PHE B 241 21.93 2.09 1.96
CA PHE B 241 20.84 1.13 1.97
C PHE B 241 20.74 0.41 3.30
N GLN B 242 21.85 0.29 4.03
CA GLN B 242 21.82 -0.33 5.35
C GLN B 242 20.98 0.49 6.33
N GLU B 243 21.12 1.81 6.29
CA GLU B 243 20.44 2.66 7.26
C GLU B 243 19.03 3.05 6.84
N THR B 244 18.64 2.83 5.58
CA THR B 244 17.35 3.28 5.07
C THR B 244 16.47 2.08 4.77
N LYS B 245 15.22 2.14 5.23
CA LYS B 245 14.28 1.05 5.02
C LYS B 245 13.86 0.98 3.55
N THR B 246 13.46 -0.22 3.14
CA THR B 246 13.10 -0.45 1.74
C THR B 246 11.83 0.30 1.36
N GLY B 247 10.86 0.38 2.28
CA GLY B 247 9.62 1.09 1.99
C GLY B 247 9.84 2.57 1.75
N GLU B 248 10.83 3.16 2.41
CA GLU B 248 11.14 4.58 2.19
C GLU B 248 11.59 4.81 0.75
N LEU B 249 12.42 3.92 0.21
CA LEU B 249 12.83 4.04 -1.18
C LEU B 249 11.68 3.70 -2.13
N ASN B 250 10.85 2.73 -1.75
CA ASN B 250 9.75 2.32 -2.62
C ASN B 250 8.71 3.43 -2.78
N SER B 251 8.42 4.16 -1.70
CA SER B 251 7.48 5.27 -1.78
C SER B 251 7.99 6.35 -2.72
N ARG B 252 9.28 6.67 -2.64
CA ARG B 252 9.84 7.68 -3.53
C ARG B 252 9.85 7.20 -4.98
N LEU B 253 10.18 5.93 -5.20
CA LEU B 253 10.35 5.45 -6.57
C LEU B 253 9.01 5.20 -7.27
N SER B 254 8.00 4.73 -6.53
CA SER B 254 6.73 4.35 -7.13
C SER B 254 5.70 5.47 -7.07
N SER B 255 5.32 5.88 -5.85
CA SER B 255 4.22 6.84 -5.72
C SER B 255 4.65 8.26 -6.03
N ASP B 256 5.87 8.65 -5.62
CA ASP B 256 6.30 10.03 -5.80
C ASP B 256 6.69 10.33 -7.24
N THR B 257 7.19 9.34 -7.96
CA THR B 257 7.52 9.56 -9.36
C THR B 257 6.28 9.85 -10.20
N THR B 258 5.12 9.39 -9.74
CA THR B 258 3.88 9.86 -10.34
C THR B 258 3.68 11.35 -10.08
N LEU B 259 4.03 11.81 -8.88
CA LEU B 259 3.88 13.22 -8.53
C LEU B 259 4.92 14.12 -9.18
N MET B 260 5.98 13.56 -9.75
CA MET B 260 6.88 14.37 -10.58
C MET B 260 6.14 14.95 -11.78
N SER B 261 5.35 14.13 -12.46
CA SER B 261 4.77 14.51 -13.73
C SER B 261 3.42 15.19 -13.58
N ASN B 262 3.03 15.55 -12.36
CA ASN B 262 1.81 16.28 -12.13
C ASN B 262 2.02 17.79 -12.14
N TRP B 263 3.27 18.26 -12.22
CA TRP B 263 3.54 19.69 -12.05
C TRP B 263 3.28 20.46 -13.33
N LEU B 264 4.06 20.18 -14.37
CA LEU B 264 3.92 20.90 -15.62
C LEU B 264 2.81 20.36 -16.53
N PRO B 265 2.71 19.05 -16.82
CA PRO B 265 1.67 18.60 -17.76
C PRO B 265 0.25 18.87 -17.30
N LEU B 266 -0.04 18.81 -16.01
CA LEU B 266 -1.41 18.92 -15.52
C LEU B 266 -1.67 20.20 -14.75
N ASN B 267 -0.92 20.45 -13.67
CA ASN B 267 -1.28 21.52 -12.76
C ASN B 267 -0.95 22.89 -13.35
N ALA B 268 0.22 23.02 -13.98
CA ALA B 268 0.55 24.28 -14.64
C ALA B 268 -0.41 24.57 -15.79
N ASN B 269 -0.80 23.53 -16.53
CA ASN B 269 -1.77 23.71 -17.62
C ASN B 269 -3.11 24.20 -17.10
N VAL B 270 -3.62 23.58 -16.05
CA VAL B 270 -4.93 23.98 -15.53
C VAL B 270 -4.87 25.38 -14.96
N LEU B 271 -3.78 25.71 -14.25
CA LEU B 271 -3.62 27.06 -13.73
C LEU B 271 -3.57 28.09 -14.85
N LEU B 272 -2.83 27.78 -15.93
CA LEU B 272 -2.73 28.72 -17.04
C LEU B 272 -4.07 28.90 -17.75
N ARG B 273 -4.80 27.80 -17.98
CA ARG B 273 -6.07 27.91 -18.67
C ARG B 273 -7.09 28.66 -17.83
N SER B 274 -7.09 28.45 -16.51
CA SER B 274 -7.97 29.23 -15.65
C SER B 274 -7.59 30.70 -15.66
N LEU B 275 -6.28 30.99 -15.58
CA LEU B 275 -5.83 32.37 -15.51
C LEU B 275 -6.00 33.11 -16.83
N VAL B 276 -6.16 32.41 -17.95
CA VAL B 276 -6.47 33.10 -19.19
C VAL B 276 -7.98 33.20 -19.42
N LYS B 277 -8.74 32.15 -19.06
CA LYS B 277 -10.17 32.20 -19.30
C LYS B 277 -10.87 33.15 -18.35
N VAL B 278 -10.35 33.35 -17.15
CA VAL B 278 -10.94 34.32 -16.23
C VAL B 278 -10.82 35.72 -16.81
N VAL B 279 -9.64 36.07 -17.34
CA VAL B 279 -9.45 37.40 -17.90
C VAL B 279 -10.27 37.57 -19.18
N GLY B 280 -10.38 36.52 -19.99
CA GLY B 280 -11.24 36.62 -21.16
C GLY B 280 -12.71 36.82 -20.81
N LEU B 281 -13.18 36.06 -19.82
CA LEU B 281 -14.57 36.19 -19.38
C LEU B 281 -14.82 37.55 -18.75
N TYR B 282 -13.81 38.12 -18.09
CA TYR B 282 -13.98 39.46 -17.52
C TYR B 282 -13.92 40.54 -18.59
N GLY B 283 -13.17 40.31 -19.66
CA GLY B 283 -13.27 41.19 -20.82
C GLY B 283 -14.66 41.18 -21.40
N PHE B 284 -15.27 40.01 -21.52
CA PHE B 284 -16.59 39.94 -22.14
C PHE B 284 -17.63 40.64 -21.29
N MET B 285 -17.63 40.37 -20.00
CA MET B 285 -18.65 40.93 -19.15
C MET B 285 -18.55 42.43 -19.16
N LEU B 286 -17.33 42.95 -19.13
CA LEU B 286 -17.20 44.39 -19.23
C LEU B 286 -17.81 44.77 -20.54
N SER B 287 -17.45 44.06 -21.60
CA SER B 287 -18.07 44.33 -22.90
C SER B 287 -19.58 44.32 -22.82
N ILE B 288 -20.17 43.66 -21.82
CA ILE B 288 -21.63 43.67 -21.70
C ILE B 288 -22.11 44.93 -20.98
N SER B 289 -21.71 45.10 -19.71
CA SER B 289 -22.16 46.23 -18.91
C SER B 289 -21.32 46.37 -17.66
N PRO B 290 -20.85 47.58 -17.31
CA PRO B 290 -19.82 47.69 -16.27
C PRO B 290 -20.32 47.43 -14.85
N ARG B 291 -21.48 47.95 -14.48
CA ARG B 291 -21.95 47.85 -13.09
C ARG B 291 -22.15 46.41 -12.67
N LEU B 292 -22.68 45.60 -13.59
CA LEU B 292 -22.83 44.17 -13.32
C LEU B 292 -21.48 43.49 -13.10
N THR B 293 -20.41 44.03 -13.69
CA THR B 293 -19.08 43.52 -13.38
C THR B 293 -18.57 44.00 -12.03
N LEU B 294 -18.89 45.23 -11.64
CA LEU B 294 -18.50 45.69 -10.32
C LEU B 294 -19.16 44.86 -9.23
N LEU B 295 -20.36 44.36 -9.50
CA LEU B 295 -21.01 43.43 -8.58
C LEU B 295 -20.18 42.16 -8.40
N SER B 296 -19.69 41.61 -9.51
CA SER B 296 -18.84 40.42 -9.45
C SER B 296 -17.52 40.69 -8.73
N LEU B 297 -16.94 41.87 -8.98
CA LEU B 297 -15.70 42.25 -8.32
C LEU B 297 -15.89 42.32 -6.81
N LEU B 298 -17.03 42.86 -6.38
CA LEU B 298 -17.32 42.87 -4.94
C LEU B 298 -17.57 41.47 -4.41
N HIS B 299 -18.14 40.58 -5.23
CA HIS B 299 -18.54 39.27 -4.74
C HIS B 299 -17.36 38.31 -4.56
N MET B 300 -16.38 38.38 -5.46
CA MET B 300 -15.32 37.35 -5.50
C MET B 300 -14.51 37.14 -4.22
N PRO B 301 -14.02 38.16 -3.50
CA PRO B 301 -13.08 37.88 -2.39
C PRO B 301 -13.62 36.99 -1.30
N PHE B 302 -14.91 37.06 -1.00
CA PHE B 302 -15.50 36.17 -0.02
C PHE B 302 -15.41 34.72 -0.47
N THR B 303 -15.67 34.47 -1.76
CA THR B 303 -15.55 33.12 -2.31
C THR B 303 -14.11 32.64 -2.22
N ILE B 304 -13.15 33.51 -2.53
CA ILE B 304 -11.75 33.11 -2.48
C ILE B 304 -11.35 32.73 -1.06
N ALA B 305 -11.73 33.57 -0.08
CA ALA B 305 -11.38 33.30 1.31
C ALA B 305 -12.03 32.02 1.81
N ALA B 306 -13.30 31.81 1.45
CA ALA B 306 -13.99 30.59 1.88
C ALA B 306 -13.33 29.35 1.30
N GLU B 307 -12.95 29.39 0.02
CA GLU B 307 -12.31 28.24 -0.59
C GLU B 307 -10.95 27.96 0.05
N LYS B 308 -10.19 29.01 0.37
CA LYS B 308 -8.91 28.82 1.03
C LYS B 308 -9.09 28.15 2.40
N VAL B 309 -10.04 28.65 3.19
CA VAL B 309 -10.27 28.11 4.53
C VAL B 309 -10.72 26.65 4.45
N TYR B 310 -11.65 26.36 3.54
CA TYR B 310 -12.15 25.00 3.40
C TYR B 310 -11.05 24.05 2.95
N ASN B 311 -10.20 24.49 2.02
CA ASN B 311 -9.13 23.61 1.55
C ASN B 311 -8.11 23.32 2.65
N THR B 312 -7.76 24.34 3.45
CA THR B 312 -6.83 24.11 4.55
C THR B 312 -7.40 23.12 5.57
N ARG B 313 -8.66 23.32 5.96
CA ARG B 313 -9.26 22.42 6.93
C ARG B 313 -9.41 21.01 6.37
N HIS B 314 -9.76 20.89 5.08
CA HIS B 314 -9.88 19.58 4.45
C HIS B 314 -8.55 18.85 4.41
N GLN B 315 -7.47 19.58 4.12
CA GLN B 315 -6.14 18.96 4.12
C GLN B 315 -5.76 18.46 5.51
N GLU B 316 -6.02 19.28 6.54
CA GLU B 316 -5.71 18.86 7.90
C GLU B 316 -6.49 17.61 8.29
N VAL B 317 -7.79 17.60 7.98
CA VAL B 317 -8.60 16.43 8.33
C VAL B 317 -8.18 15.21 7.53
N LEU B 318 -7.75 15.39 6.27
CA LEU B 318 -7.25 14.26 5.49
C LEU B 318 -5.98 13.68 6.11
N ARG B 319 -5.11 14.55 6.63
CA ARG B 319 -3.92 14.09 7.33
C ARG B 319 -4.31 13.26 8.55
N GLU B 320 -5.30 13.73 9.31
CA GLU B 320 -5.79 12.97 10.46
C GLU B 320 -6.39 11.63 10.03
N ILE B 321 -7.09 11.63 8.90
CA ILE B 321 -7.71 10.41 8.37
C ILE B 321 -6.64 9.36 8.07
N GLN B 322 -5.59 9.76 7.35
CA GLN B 322 -4.58 8.78 6.99
C GLN B 322 -3.79 8.32 8.21
N ASP B 323 -3.60 9.21 9.19
CA ASP B 323 -2.96 8.80 10.44
C ASP B 323 -3.77 7.73 11.17
N ALA B 324 -5.09 7.94 11.27
CA ALA B 324 -5.93 6.97 11.95
C ALA B 324 -6.01 5.66 11.18
N VAL B 325 -6.01 5.74 9.85
CA VAL B 325 -6.01 4.53 9.02
C VAL B 325 -4.72 3.74 9.25
N ALA B 326 -3.59 4.44 9.34
CA ALA B 326 -2.33 3.77 9.62
C ALA B 326 -2.34 3.12 11.01
N ARG B 327 -2.96 3.79 11.99
CA ARG B 327 -3.07 3.20 13.32
C ARG B 327 -3.91 1.91 13.29
N ALA B 328 -5.02 1.94 12.56
CA ALA B 328 -5.85 0.73 12.45
C ALA B 328 -5.10 -0.39 11.73
N GLY B 329 -4.34 -0.04 10.70
CA GLY B 329 -3.53 -1.03 10.01
C GLY B 329 -2.48 -1.64 10.91
N GLN B 330 -1.85 -0.83 11.76
CA GLN B 330 -0.91 -1.36 12.73
C GLN B 330 -1.60 -2.30 13.71
N VAL B 331 -2.82 -1.95 14.13
CA VAL B 331 -3.57 -2.80 15.06
C VAL B 331 -3.86 -4.17 14.43
N VAL B 332 -4.34 -4.16 13.19
CA VAL B 332 -4.67 -5.44 12.55
C VAL B 332 -3.41 -6.24 12.23
N ARG B 333 -2.31 -5.57 11.90
CA ARG B 333 -1.05 -6.28 11.66
C ARG B 333 -0.54 -6.93 12.94
N GLU B 334 -0.62 -6.22 14.06
CA GLU B 334 -0.21 -6.80 15.33
C GLU B 334 -1.11 -7.97 15.71
N ALA B 335 -2.41 -7.85 15.44
CA ALA B 335 -3.34 -8.93 15.75
C ALA B 335 -3.05 -10.18 14.91
N VAL B 336 -2.73 -9.99 13.62
CA VAL B 336 -2.54 -11.15 12.76
C VAL B 336 -1.12 -11.71 12.86
N GLY B 337 -0.16 -10.94 13.37
CA GLY B 337 1.19 -11.45 13.49
C GLY B 337 1.31 -12.56 14.52
N GLY B 338 0.68 -12.38 15.68
CA GLY B 338 0.75 -13.36 16.74
C GLY B 338 -0.52 -14.18 16.84
N LEU B 339 -1.03 -14.62 15.69
CA LEU B 339 -2.33 -15.30 15.64
C LEU B 339 -2.32 -16.58 16.46
N GLN B 340 -1.24 -17.36 16.38
CA GLN B 340 -1.16 -18.58 17.18
C GLN B 340 -1.14 -18.28 18.67
N THR B 341 -0.39 -17.26 19.07
CA THR B 341 -0.33 -16.89 20.49
C THR B 341 -1.69 -16.42 20.99
N VAL B 342 -2.38 -15.60 20.20
CA VAL B 342 -3.69 -15.09 20.60
C VAL B 342 -4.69 -16.23 20.69
N ARG B 343 -4.69 -17.13 19.70
CA ARG B 343 -5.63 -18.25 19.72
C ARG B 343 -5.34 -19.20 20.86
N SER B 344 -4.06 -19.35 21.25
CA SER B 344 -3.74 -20.17 22.40
C SER B 344 -4.21 -19.51 23.69
N PHE B 345 -3.97 -18.21 23.84
CA PHE B 345 -4.40 -17.51 25.05
C PHE B 345 -5.87 -17.14 25.01
N GLY B 346 -6.53 -17.28 23.88
CA GLY B 346 -7.95 -16.93 23.77
C GLY B 346 -8.23 -15.45 23.93
N ALA B 347 -7.44 -14.60 23.27
CA ALA B 347 -7.55 -13.16 23.41
C ALA B 347 -8.06 -12.49 22.14
N GLU B 348 -8.84 -13.22 21.33
CA GLU B 348 -9.35 -12.64 20.10
C GLU B 348 -10.40 -11.56 20.38
N GLU B 349 -11.17 -11.71 21.46
CA GLU B 349 -12.21 -10.73 21.77
C GLU B 349 -11.60 -9.38 22.12
N HIS B 350 -10.50 -9.37 22.86
CA HIS B 350 -9.84 -8.12 23.22
C HIS B 350 -9.31 -7.39 21.99
N GLU B 351 -8.70 -8.12 21.07
CA GLU B 351 -8.20 -7.50 19.85
C GLU B 351 -9.33 -7.01 18.97
N VAL B 352 -10.44 -7.76 18.93
CA VAL B 352 -11.61 -7.33 18.18
C VAL B 352 -12.16 -6.03 18.76
N CYS B 353 -12.21 -5.93 20.09
CA CYS B 353 -12.70 -4.71 20.72
C CYS B 353 -11.77 -3.53 20.44
N ARG B 354 -10.46 -3.76 20.45
CA ARG B 354 -9.52 -2.69 20.13
C ARG B 354 -9.69 -2.23 18.68
N TYR B 355 -9.88 -3.18 17.76
CA TYR B 355 -10.12 -2.82 16.37
C TYR B 355 -11.42 -2.05 16.22
N LYS B 356 -12.45 -2.43 16.98
CA LYS B 356 -13.71 -1.69 16.94
C LYS B 356 -13.54 -0.27 17.45
N GLU B 357 -12.72 -0.08 18.48
CA GLU B 357 -12.43 1.27 18.97
C GLU B 357 -11.72 2.10 17.91
N ALA B 358 -10.72 1.51 17.25
CA ALA B 358 -10.01 2.22 16.18
C ALA B 358 -10.95 2.56 15.03
N LEU B 359 -11.84 1.62 14.67
CA LEU B 359 -12.80 1.87 13.60
C LEU B 359 -13.79 2.96 13.98
N GLU B 360 -14.18 3.02 15.26
CA GLU B 360 -15.06 4.09 15.70
C GLU B 360 -14.37 5.44 15.60
N GLN B 361 -13.08 5.50 15.96
CA GLN B 361 -12.33 6.74 15.80
C GLN B 361 -12.26 7.15 14.33
N CYS B 362 -11.98 6.20 13.44
CA CYS B 362 -11.92 6.49 12.02
C CYS B 362 -13.26 6.98 11.49
N ARG B 363 -14.35 6.34 11.91
CA ARG B 363 -15.67 6.73 11.45
C ARG B 363 -16.05 8.12 11.94
N GLN B 364 -15.70 8.44 13.19
CA GLN B 364 -15.95 9.78 13.70
C GLN B 364 -15.19 10.83 12.89
N LEU B 365 -13.93 10.53 12.56
CA LEU B 365 -13.16 11.46 11.75
C LEU B 365 -13.76 11.63 10.35
N TYR B 366 -14.20 10.53 9.74
CA TYR B 366 -14.86 10.59 8.44
C TYR B 366 -16.11 11.44 8.50
N TRP B 367 -16.91 11.27 9.55
CA TRP B 367 -18.12 12.06 9.72
C TRP B 367 -17.82 13.54 9.86
N ARG B 368 -16.77 13.87 10.62
CA ARG B 368 -16.37 15.27 10.75
C ARG B 368 -15.99 15.86 9.41
N ARG B 369 -15.20 15.12 8.62
CA ARG B 369 -14.78 15.60 7.31
C ARG B 369 -15.99 15.86 6.41
N ASP B 370 -16.90 14.90 6.35
CA ASP B 370 -18.01 15.02 5.42
C ASP B 370 -18.99 16.10 5.86
N LEU B 371 -19.16 16.27 7.17
CA LEU B 371 -19.99 17.37 7.66
C LEU B 371 -19.39 18.72 7.30
N GLU B 372 -18.07 18.87 7.44
CA GLU B 372 -17.45 20.13 7.06
C GLU B 372 -17.62 20.41 5.57
N ARG B 373 -17.44 19.39 4.74
CA ARG B 373 -17.59 19.57 3.30
C ARG B 373 -19.02 19.95 2.93
N ALA B 374 -20.00 19.29 3.54
CA ALA B 374 -21.40 19.60 3.23
C ALA B 374 -21.75 21.01 3.67
N LEU B 375 -21.25 21.45 4.83
CA LEU B 375 -21.51 22.80 5.29
C LEU B 375 -20.90 23.83 4.35
N TYR B 376 -19.68 23.55 3.85
CA TYR B 376 -19.06 24.45 2.89
C TYR B 376 -19.88 24.55 1.62
N LEU B 377 -20.38 23.42 1.12
CA LEU B 377 -21.20 23.45 -0.09
C LEU B 377 -22.48 24.24 0.13
N LEU B 378 -23.11 24.07 1.30
CA LEU B 378 -24.35 24.79 1.59
C LEU B 378 -24.11 26.30 1.62
N VAL B 379 -23.06 26.74 2.31
CA VAL B 379 -22.82 28.18 2.36
C VAL B 379 -22.41 28.72 0.99
N ARG B 380 -21.76 27.88 0.17
CA ARG B 380 -21.39 28.31 -1.16
C ARG B 380 -22.62 28.54 -2.03
N ARG B 381 -23.59 27.63 -1.98
CA ARG B 381 -24.80 27.81 -2.76
C ARG B 381 -25.64 28.98 -2.24
N VAL B 382 -25.65 29.17 -0.92
CA VAL B 382 -26.39 30.31 -0.36
C VAL B 382 -25.80 31.62 -0.85
N LEU B 383 -24.47 31.74 -0.85
CA LEU B 383 -23.85 32.95 -1.39
C LEU B 383 -24.06 33.06 -2.90
N HIS B 384 -24.14 31.92 -3.59
CA HIS B 384 -24.38 31.94 -5.03
C HIS B 384 -25.71 32.61 -5.35
N LEU B 385 -26.78 32.22 -4.66
CA LEU B 385 -28.02 32.98 -4.86
C LEU B 385 -27.91 34.41 -4.32
N GLY B 386 -27.22 34.59 -3.20
CA GLY B 386 -27.07 35.93 -2.64
C GLY B 386 -26.47 36.93 -3.62
N VAL B 387 -25.69 36.44 -4.58
CA VAL B 387 -25.28 37.32 -5.68
C VAL B 387 -26.26 37.23 -6.85
N GLN B 388 -26.85 36.05 -7.08
CA GLN B 388 -27.63 35.82 -8.29
C GLN B 388 -28.91 36.65 -8.32
N MET B 389 -29.65 36.66 -7.21
CA MET B 389 -30.94 37.34 -7.17
C MET B 389 -30.76 38.85 -7.36
N LEU B 390 -29.78 39.43 -6.67
CA LEU B 390 -29.55 40.86 -6.77
C LEU B 390 -29.00 41.24 -8.15
N MET B 391 -28.17 40.38 -8.73
CA MET B 391 -27.70 40.64 -10.09
C MET B 391 -28.85 40.60 -11.09
N LEU B 392 -29.77 39.65 -10.92
CA LEU B 392 -30.95 39.60 -11.79
C LEU B 392 -31.80 40.85 -11.62
N SER B 393 -31.97 41.32 -10.39
CA SER B 393 -32.77 42.52 -10.15
C SER B 393 -32.15 43.74 -10.82
N CYS B 394 -30.84 43.92 -10.67
CA CYS B 394 -30.19 45.09 -11.28
C CYS B 394 -30.18 44.98 -12.79
N GLY B 395 -29.99 43.77 -13.33
CA GLY B 395 -30.03 43.58 -14.76
C GLY B 395 -31.41 43.85 -15.35
N LEU B 396 -32.46 43.50 -14.62
CA LEU B 396 -33.79 43.80 -15.11
C LEU B 396 -34.14 45.27 -14.96
N GLN B 397 -33.59 45.95 -13.96
CA GLN B 397 -33.73 47.41 -13.92
C GLN B 397 -33.07 48.05 -15.13
N GLN B 398 -31.88 47.56 -15.49
CA GLN B 398 -31.22 48.06 -16.71
C GLN B 398 -32.01 47.70 -17.96
N MET B 399 -32.62 46.51 -17.97
CA MET B 399 -33.55 46.13 -19.05
C MET B 399 -34.67 47.14 -19.20
N GLN B 400 -35.36 47.46 -18.11
CA GLN B 400 -36.47 48.39 -18.19
C GLN B 400 -36.00 49.81 -18.47
N ASP B 401 -34.73 50.12 -18.19
CA ASP B 401 -34.17 51.39 -18.62
C ASP B 401 -33.91 51.41 -20.12
N GLY B 402 -33.91 50.25 -20.78
CA GLY B 402 -33.72 50.19 -22.21
C GLY B 402 -32.31 50.06 -22.69
N GLU B 403 -31.37 49.67 -21.83
CA GLU B 403 -29.97 49.62 -22.19
C GLU B 403 -29.56 48.25 -22.74
N LEU B 404 -29.91 47.17 -22.06
CA LEU B 404 -29.48 45.83 -22.42
C LEU B 404 -30.62 45.08 -23.10
N THR B 405 -30.27 43.98 -23.75
CA THR B 405 -31.23 43.10 -24.40
C THR B 405 -31.22 41.73 -23.72
N GLN B 406 -32.08 40.84 -24.20
CA GLN B 406 -32.27 39.55 -23.54
C GLN B 406 -31.07 38.63 -23.76
N GLY B 407 -30.57 38.57 -24.99
CA GLY B 407 -29.44 37.70 -25.28
C GLY B 407 -28.18 38.13 -24.54
N SER B 408 -27.96 39.44 -24.41
CA SER B 408 -26.82 39.94 -23.66
C SER B 408 -26.91 39.53 -22.19
N LEU B 409 -28.10 39.63 -21.62
CA LEU B 409 -28.28 39.21 -20.23
C LEU B 409 -28.06 37.72 -20.05
N LEU B 410 -28.54 36.91 -21.01
CA LEU B 410 -28.32 35.48 -20.94
C LEU B 410 -26.83 35.14 -21.02
N SER B 411 -26.11 35.79 -21.95
CA SER B 411 -24.68 35.56 -22.08
C SER B 411 -23.95 35.97 -20.80
N PHE B 412 -24.37 37.08 -20.20
CA PHE B 412 -23.78 37.51 -18.93
C PHE B 412 -24.04 36.47 -17.85
N MET B 413 -25.23 35.86 -17.86
CA MET B 413 -25.54 34.85 -16.86
C MET B 413 -24.64 33.63 -17.02
N ILE B 414 -24.41 33.20 -18.26
CA ILE B 414 -23.52 32.06 -18.51
C ILE B 414 -22.11 32.38 -18.03
N TYR B 415 -21.63 33.59 -18.36
CA TYR B 415 -20.29 33.99 -17.96
C TYR B 415 -20.15 34.03 -16.44
N GLN B 416 -21.18 34.55 -15.74
CA GLN B 416 -21.18 34.54 -14.28
C GLN B 416 -21.15 33.13 -13.71
N GLU B 417 -21.90 32.21 -14.33
CA GLU B 417 -21.88 30.84 -13.84
C GLU B 417 -20.51 30.22 -14.00
N SER B 418 -19.79 30.55 -15.07
CA SER B 418 -18.47 29.96 -15.27
C SER B 418 -17.38 30.57 -14.39
N VAL B 419 -17.44 31.88 -14.15
CA VAL B 419 -16.32 32.59 -13.54
C VAL B 419 -16.02 32.08 -12.14
N GLY B 420 -17.06 31.87 -11.33
CA GLY B 420 -16.85 31.42 -9.96
C GLY B 420 -16.16 30.08 -9.90
N SER B 421 -16.63 29.12 -10.70
CA SER B 421 -16.04 27.79 -10.73
C SER B 421 -14.59 27.84 -11.19
N TYR B 422 -14.30 28.69 -12.18
CA TYR B 422 -12.91 28.82 -12.62
C TYR B 422 -12.02 29.39 -11.53
N VAL B 423 -12.53 30.36 -10.76
CA VAL B 423 -11.74 30.93 -9.67
C VAL B 423 -11.44 29.86 -8.61
N GLN B 424 -12.45 29.08 -8.23
CA GLN B 424 -12.23 28.05 -7.21
C GLN B 424 -11.25 26.98 -7.68
N THR B 425 -11.38 26.53 -8.94
CA THR B 425 -10.45 25.50 -9.39
C THR B 425 -9.03 26.06 -9.53
N LEU B 426 -8.90 27.35 -9.87
CA LEU B 426 -7.58 27.98 -9.89
C LEU B 426 -6.96 27.99 -8.50
N VAL B 427 -7.76 28.34 -7.49
CA VAL B 427 -7.24 28.37 -6.12
C VAL B 427 -6.82 26.98 -5.66
N TYR B 428 -7.64 25.97 -5.97
CA TYR B 428 -7.32 24.60 -5.57
C TYR B 428 -6.04 24.10 -6.25
N ILE B 429 -5.87 24.42 -7.54
CA ILE B 429 -4.66 23.98 -8.24
C ILE B 429 -3.42 24.68 -7.68
N TYR B 430 -3.53 25.98 -7.38
CA TYR B 430 -2.40 26.67 -6.77
C TYR B 430 -2.10 26.11 -5.38
N GLY B 431 -3.12 25.59 -4.69
CA GLY B 431 -2.85 24.87 -3.45
C GLY B 431 -2.08 23.58 -3.68
N ASP B 432 -2.43 22.84 -4.73
CA ASP B 432 -1.73 21.59 -5.04
C ASP B 432 -0.29 21.82 -5.49
N MET B 433 0.00 23.02 -6.01
CA MET B 433 1.36 23.38 -6.43
C MET B 433 2.39 23.12 -5.33
N LEU B 434 2.09 23.55 -4.11
CA LEU B 434 3.08 23.47 -3.03
C LEU B 434 3.35 22.03 -2.62
N SER B 435 2.31 21.20 -2.60
CA SER B 435 2.50 19.78 -2.30
C SER B 435 3.36 19.12 -3.36
N ASN B 436 3.11 19.45 -4.64
CA ASN B 436 3.93 18.86 -5.69
C ASN B 436 5.39 19.31 -5.60
N VAL B 437 5.62 20.59 -5.26
CA VAL B 437 6.98 21.08 -5.11
C VAL B 437 7.68 20.41 -3.94
N GLY B 438 6.98 20.20 -2.83
CA GLY B 438 7.56 19.48 -1.71
C GLY B 438 7.92 18.05 -2.07
N ALA B 439 7.06 17.38 -2.84
CA ALA B 439 7.38 16.04 -3.33
C ALA B 439 8.62 16.07 -4.22
N ALA B 440 8.75 17.12 -5.03
CA ALA B 440 9.93 17.26 -5.88
C ALA B 440 11.20 17.39 -5.06
N GLU B 441 11.15 18.18 -4.00
CA GLU B 441 12.31 18.30 -3.11
C GLU B 441 12.63 16.96 -2.46
N LYS B 442 11.61 16.24 -2.03
CA LYS B 442 11.81 14.95 -1.38
C LYS B 442 12.51 13.96 -2.31
N VAL B 443 12.09 13.91 -3.58
CA VAL B 443 12.73 12.99 -4.52
C VAL B 443 14.14 13.45 -4.86
N PHE B 444 14.32 14.75 -5.14
CA PHE B 444 15.64 15.24 -5.55
C PHE B 444 16.67 15.14 -4.44
N SER B 445 16.23 15.05 -3.18
CA SER B 445 17.18 14.82 -2.09
C SER B 445 17.94 13.51 -2.25
N TYR B 446 17.32 12.52 -2.89
CA TYR B 446 18.02 11.24 -3.11
C TYR B 446 19.08 11.36 -4.19
N MET B 447 18.70 11.89 -5.36
CA MET B 447 19.66 12.02 -6.46
C MET B 447 20.73 13.07 -6.17
N ASP B 448 20.52 13.93 -5.17
CA ASP B 448 21.55 14.86 -4.76
C ASP B 448 22.43 14.33 -3.63
N ARG B 449 22.20 13.10 -3.17
CA ARG B 449 23.00 12.55 -2.09
C ARG B 449 24.35 12.12 -2.62
N GLN B 450 25.42 12.70 -2.07
CA GLN B 450 26.76 12.43 -2.55
C GLN B 450 27.28 11.11 -1.98
N PRO B 451 27.65 10.14 -2.81
CA PRO B 451 28.27 8.92 -2.28
C PRO B 451 29.67 9.19 -1.77
N ASN B 452 30.17 8.27 -0.95
CA ASN B 452 31.46 8.40 -0.28
C ASN B 452 32.39 7.27 -0.67
N LEU B 453 32.48 6.99 -1.97
CA LEU B 453 33.35 5.95 -2.48
C LEU B 453 34.39 6.54 -3.43
N PRO B 454 35.66 6.18 -3.27
CA PRO B 454 36.69 6.71 -4.16
C PRO B 454 36.57 6.16 -5.57
N SER B 455 37.05 6.96 -6.52
CA SER B 455 37.01 6.54 -7.91
C SER B 455 37.99 5.39 -8.15
N PRO B 456 37.66 4.45 -9.03
CA PRO B 456 38.58 3.34 -9.31
C PRO B 456 39.82 3.81 -10.05
N GLY B 457 40.92 3.13 -9.80
CA GLY B 457 42.17 3.41 -10.48
C GLY B 457 42.33 2.74 -11.82
N THR B 458 41.32 1.95 -12.24
CA THR B 458 41.28 1.27 -13.55
C THR B 458 42.50 0.38 -13.79
N LEU B 459 42.97 -0.28 -12.74
CA LEU B 459 44.04 -1.27 -12.90
C LEU B 459 43.44 -2.62 -13.27
N ALA B 460 44.08 -3.28 -14.23
CA ALA B 460 43.64 -4.60 -14.69
C ALA B 460 44.81 -5.34 -15.29
N PRO B 461 45.64 -5.96 -14.45
CA PRO B 461 46.77 -6.73 -14.97
C PRO B 461 46.30 -7.95 -15.75
N THR B 462 47.08 -8.30 -16.77
CA THR B 462 46.77 -9.47 -17.58
C THR B 462 46.94 -10.75 -16.76
N THR B 463 48.00 -10.83 -15.97
CA THR B 463 48.28 -11.98 -15.12
C THR B 463 48.23 -11.56 -13.66
N LEU B 464 47.59 -12.40 -12.84
CA LEU B 464 47.48 -12.14 -11.41
C LEU B 464 47.97 -13.35 -10.65
N GLN B 465 48.96 -13.14 -9.77
CA GLN B 465 49.42 -14.22 -8.90
C GLN B 465 48.34 -14.61 -7.90
N GLY B 466 47.62 -13.63 -7.38
CA GLY B 466 46.53 -13.89 -6.46
C GLY B 466 46.89 -13.80 -4.99
N VAL B 467 48.05 -13.25 -4.65
CA VAL B 467 48.40 -13.10 -3.25
C VAL B 467 47.54 -12.01 -2.61
N VAL B 468 47.10 -12.26 -1.38
CA VAL B 468 46.28 -11.33 -0.62
C VAL B 468 46.91 -11.16 0.74
N LYS B 469 47.18 -9.91 1.13
CA LYS B 469 47.83 -9.63 2.41
C LYS B 469 46.99 -8.65 3.20
N PHE B 470 46.75 -8.97 4.46
CA PHE B 470 46.13 -8.06 5.41
C PHE B 470 47.20 -7.50 6.34
N GLN B 471 47.06 -6.24 6.72
CA GLN B 471 48.03 -5.61 7.62
C GLN B 471 47.31 -4.60 8.50
N ASP B 472 47.29 -4.90 9.81
CA ASP B 472 46.77 -4.05 10.90
C ASP B 472 45.51 -3.26 10.51
N VAL B 473 44.58 -3.97 9.88
CA VAL B 473 43.39 -3.31 9.37
C VAL B 473 42.35 -3.14 10.48
N SER B 474 41.48 -2.16 10.30
CA SER B 474 40.39 -1.91 11.23
C SER B 474 39.17 -1.46 10.45
N PHE B 475 38.02 -2.02 10.78
CA PHE B 475 36.76 -1.68 10.14
C PHE B 475 35.76 -1.24 11.18
N ALA B 476 35.03 -0.17 10.88
CA ALA B 476 33.99 0.35 11.76
C ALA B 476 32.70 0.47 10.97
N TYR B 477 31.61 -0.07 11.53
CA TYR B 477 30.32 0.05 10.89
C TYR B 477 29.82 1.49 10.94
N PRO B 478 28.99 1.90 9.97
CA PRO B 478 28.46 3.27 10.00
C PRO B 478 27.64 3.60 11.23
N ASN B 479 26.96 2.63 11.83
CA ASN B 479 26.19 2.87 13.03
C ASN B 479 27.09 3.02 14.24
N ARG B 483 32.92 1.46 17.79
CA ARG B 483 32.66 0.03 17.82
C ARG B 483 33.66 -0.74 16.97
N PRO B 484 34.76 -1.19 17.57
CA PRO B 484 35.77 -1.92 16.80
C PRO B 484 35.33 -3.34 16.46
N VAL B 485 34.51 -3.47 15.42
CA VAL B 485 34.05 -4.79 14.99
C VAL B 485 35.23 -5.59 14.43
N LEU B 486 36.16 -4.92 13.75
CA LEU B 486 37.37 -5.54 13.25
C LEU B 486 38.55 -4.68 13.66
N LYS B 487 39.61 -5.31 14.16
CA LYS B 487 40.75 -4.57 14.69
C LYS B 487 42.00 -5.45 14.66
N GLY B 488 43.06 -4.92 14.06
CA GLY B 488 44.37 -5.55 14.15
C GLY B 488 44.47 -6.92 13.50
N LEU B 489 43.90 -7.08 12.32
CA LEU B 489 43.99 -8.34 11.60
C LEU B 489 45.12 -8.28 10.57
N THR B 490 45.91 -9.35 10.51
CA THR B 490 47.08 -9.39 9.65
C THR B 490 47.36 -10.84 9.27
N PHE B 491 47.36 -11.12 7.97
CA PHE B 491 47.66 -12.45 7.46
C PHE B 491 48.05 -12.33 5.99
N THR B 492 48.42 -13.46 5.40
CA THR B 492 48.83 -13.50 4.00
C THR B 492 48.44 -14.85 3.42
N LEU B 493 47.79 -14.84 2.26
CA LEU B 493 47.30 -16.03 1.60
C LEU B 493 48.18 -16.38 0.42
N ARG B 494 48.05 -17.62 -0.04
CA ARG B 494 48.84 -18.16 -1.14
C ARG B 494 47.91 -18.83 -2.14
N PRO B 495 48.34 -18.93 -3.42
CA PRO B 495 47.49 -19.58 -4.43
C PRO B 495 47.21 -21.05 -4.15
N GLY B 496 48.26 -21.84 -3.94
CA GLY B 496 48.09 -23.26 -3.75
C GLY B 496 47.73 -23.70 -2.36
N GLU B 497 47.59 -22.76 -1.41
CA GLU B 497 47.34 -23.09 -0.01
C GLU B 497 45.88 -22.79 0.33
N VAL B 498 45.19 -23.80 0.86
CA VAL B 498 43.81 -23.63 1.30
C VAL B 498 43.82 -23.08 2.72
N THR B 499 43.30 -21.88 2.89
CA THR B 499 43.29 -21.20 4.18
C THR B 499 41.88 -21.16 4.75
N ALA B 500 41.76 -21.43 6.05
CA ALA B 500 40.48 -21.43 6.73
C ALA B 500 40.51 -20.45 7.90
N LEU B 501 39.42 -19.73 8.08
CA LEU B 501 39.24 -18.82 9.19
C LEU B 501 38.03 -19.24 10.01
N VAL B 502 38.22 -19.44 11.31
CA VAL B 502 37.15 -19.85 12.20
C VAL B 502 37.15 -18.96 13.43
N GLY B 503 36.05 -19.01 14.18
CA GLY B 503 35.86 -18.19 15.34
C GLY B 503 34.49 -17.56 15.35
N PRO B 504 33.74 -17.77 16.44
CA PRO B 504 32.36 -17.25 16.50
C PRO B 504 32.30 -15.73 16.47
N ASN B 505 32.99 -15.08 17.42
CA ASN B 505 33.07 -13.63 17.61
C ASN B 505 31.74 -12.91 17.37
N GLY B 506 30.65 -13.49 17.86
CA GLY B 506 29.33 -12.93 17.60
C GLY B 506 28.90 -12.97 16.16
N SER B 507 29.28 -14.02 15.42
CA SER B 507 28.90 -14.23 14.03
C SER B 507 29.32 -13.06 13.13
N GLY B 508 30.41 -12.38 13.49
CA GLY B 508 30.90 -11.27 12.71
C GLY B 508 32.06 -11.65 11.81
N LYS B 509 32.21 -12.95 11.56
CA LYS B 509 33.30 -13.42 10.72
C LYS B 509 33.12 -13.02 9.26
N SER B 510 31.87 -12.76 8.84
CA SER B 510 31.61 -12.41 7.45
C SER B 510 32.13 -11.02 7.09
N THR B 511 32.46 -10.19 8.08
CA THR B 511 32.96 -8.85 7.77
C THR B 511 34.34 -8.91 7.13
N VAL B 512 35.09 -9.99 7.36
CA VAL B 512 36.38 -10.14 6.70
C VAL B 512 36.20 -10.33 5.20
N ALA B 513 35.27 -11.21 4.82
CA ALA B 513 34.96 -11.40 3.41
C ALA B 513 34.35 -10.15 2.80
N ALA B 514 33.50 -9.46 3.57
CA ALA B 514 32.89 -8.22 3.07
C ALA B 514 33.93 -7.16 2.81
N LEU B 515 34.94 -7.05 3.68
CA LEU B 515 36.03 -6.12 3.45
C LEU B 515 36.89 -6.57 2.28
N LEU B 516 37.08 -7.88 2.13
CA LEU B 516 37.90 -8.40 1.04
C LEU B 516 37.27 -8.15 -0.31
N GLN B 517 35.94 -8.16 -0.39
CA GLN B 517 35.24 -7.91 -1.64
C GLN B 517 35.18 -6.44 -2.01
N ASN B 518 35.90 -5.57 -1.28
CA ASN B 518 35.87 -4.12 -1.47
C ASN B 518 34.46 -3.54 -1.33
N LEU B 519 33.60 -4.21 -0.55
CA LEU B 519 32.28 -3.67 -0.30
C LEU B 519 32.33 -2.54 0.71
N TYR B 520 33.24 -2.60 1.67
CA TYR B 520 33.41 -1.56 2.67
C TYR B 520 34.83 -1.04 2.63
N GLN B 521 34.99 0.21 3.07
CA GLN B 521 36.30 0.84 3.10
C GLN B 521 36.90 0.66 4.48
N PRO B 522 38.10 0.08 4.60
CA PRO B 522 38.70 -0.14 5.92
C PRO B 522 39.11 1.19 6.55
N THR B 523 38.78 1.34 7.83
CA THR B 523 39.12 2.58 8.53
C THR B 523 40.63 2.73 8.73
N GLY B 524 41.31 1.64 9.09
CA GLY B 524 42.75 1.68 9.27
C GLY B 524 43.42 0.60 8.45
N GLY B 525 44.70 0.84 8.17
CA GLY B 525 45.46 -0.08 7.35
C GLY B 525 44.97 -0.11 5.91
N GLN B 526 45.26 -1.22 5.23
CA GLN B 526 44.81 -1.41 3.86
C GLN B 526 44.87 -2.89 3.52
N VAL B 527 44.17 -3.26 2.45
CA VAL B 527 44.20 -4.61 1.90
C VAL B 527 44.84 -4.54 0.52
N LEU B 528 45.82 -5.41 0.27
CA LEU B 528 46.63 -5.33 -0.93
C LEU B 528 46.61 -6.65 -1.68
N LEU B 529 46.48 -6.56 -3.00
CA LEU B 529 46.58 -7.71 -3.90
C LEU B 529 47.77 -7.49 -4.81
N ASP B 530 48.72 -8.42 -4.78
CA ASP B 530 49.98 -8.32 -5.52
C ASP B 530 50.69 -7.00 -5.24
N GLU B 531 50.74 -6.65 -3.95
CA GLU B 531 51.33 -5.40 -3.47
C GLU B 531 50.68 -4.17 -4.10
N LYS B 532 49.38 -4.25 -4.35
CA LYS B 532 48.62 -3.15 -4.91
C LYS B 532 47.33 -3.04 -4.11
N PRO B 533 46.94 -1.84 -3.69
CA PRO B 533 45.67 -1.68 -2.97
C PRO B 533 44.49 -2.08 -3.84
N ILE B 534 43.47 -2.67 -3.21
CA ILE B 534 42.34 -3.21 -3.94
C ILE B 534 41.46 -2.11 -4.53
N SER B 535 41.59 -0.88 -4.06
CA SER B 535 40.77 0.20 -4.59
C SER B 535 41.17 0.57 -6.02
N GLN B 536 42.46 0.48 -6.35
CA GLN B 536 42.94 0.87 -7.67
C GLN B 536 42.52 -0.10 -8.77
N TYR B 537 42.04 -1.28 -8.42
CA TYR B 537 41.69 -2.27 -9.44
C TYR B 537 40.39 -1.86 -10.14
N GLU B 538 40.22 -2.39 -11.34
CA GLU B 538 39.01 -2.15 -12.11
C GLU B 538 37.81 -2.77 -11.40
N HIS B 539 36.71 -2.01 -11.33
CA HIS B 539 35.53 -2.46 -10.60
C HIS B 539 34.94 -3.72 -11.21
N CYS B 540 34.91 -3.80 -12.55
CA CYS B 540 34.42 -5.01 -13.19
C CYS B 540 35.40 -6.16 -13.05
N TYR B 541 36.69 -5.88 -13.24
CA TYR B 541 37.69 -6.95 -13.24
C TYR B 541 37.88 -7.55 -11.85
N LEU B 542 37.84 -6.72 -10.82
CA LEU B 542 38.03 -7.22 -9.46
C LEU B 542 36.92 -8.18 -9.07
N HIS B 543 35.68 -7.82 -9.38
CA HIS B 543 34.56 -8.69 -9.05
C HIS B 543 34.37 -9.82 -10.05
N SER B 544 35.02 -9.76 -11.20
CA SER B 544 35.12 -10.93 -12.06
C SER B 544 36.30 -11.82 -11.71
N GLN B 545 37.16 -11.36 -10.80
CA GLN B 545 38.31 -12.13 -10.34
C GLN B 545 38.17 -12.64 -8.92
N VAL B 546 37.62 -11.84 -8.02
CA VAL B 546 37.40 -12.23 -6.62
C VAL B 546 35.92 -12.45 -6.44
N VAL B 547 35.52 -13.70 -6.21
CA VAL B 547 34.13 -14.09 -6.11
C VAL B 547 33.90 -14.75 -4.77
N SER B 548 32.85 -14.33 -4.06
CA SER B 548 32.47 -14.90 -2.79
C SER B 548 31.00 -15.30 -2.84
N VAL B 549 30.61 -16.16 -1.89
CA VAL B 549 29.23 -16.59 -1.75
C VAL B 549 28.77 -16.27 -0.33
N GLY B 550 27.60 -15.67 -0.21
CA GLY B 550 27.08 -15.31 1.10
C GLY B 550 26.55 -16.51 1.86
N GLN B 551 26.22 -16.26 3.13
CA GLN B 551 25.60 -17.31 3.94
C GLN B 551 24.22 -17.67 3.39
N GLU B 552 23.44 -16.67 2.98
CA GLU B 552 22.15 -16.92 2.35
C GLU B 552 22.22 -16.54 0.89
N PRO B 553 22.26 -17.51 -0.02
CA PRO B 553 22.26 -17.18 -1.46
C PRO B 553 20.95 -16.51 -1.87
N VAL B 554 21.07 -15.52 -2.74
CA VAL B 554 19.94 -14.74 -3.23
C VAL B 554 19.84 -14.91 -4.73
N LEU B 555 18.62 -15.09 -5.22
CA LEU B 555 18.38 -15.24 -6.65
C LEU B 555 17.64 -14.01 -7.16
N PHE B 556 17.57 -13.88 -8.48
CA PHE B 556 17.04 -12.68 -9.11
C PHE B 556 15.82 -12.95 -9.97
N SER B 557 15.03 -13.96 -9.61
CA SER B 557 13.71 -14.24 -10.17
C SER B 557 13.73 -14.53 -11.66
N GLY B 558 14.90 -14.71 -12.26
CA GLY B 558 15.01 -14.99 -13.68
C GLY B 558 15.14 -16.48 -13.95
N SER B 559 15.67 -16.78 -15.13
CA SER B 559 15.95 -18.17 -15.47
C SER B 559 17.24 -18.63 -14.79
N VAL B 560 17.44 -19.95 -14.78
CA VAL B 560 18.69 -20.49 -14.26
C VAL B 560 19.86 -20.07 -15.13
N ARG B 561 19.63 -19.94 -16.44
CA ARG B 561 20.65 -19.40 -17.33
C ARG B 561 21.05 -17.99 -16.93
N ASN B 562 20.07 -17.16 -16.57
CA ASN B 562 20.40 -15.80 -16.12
C ASN B 562 20.99 -15.81 -14.71
N ASN B 563 20.46 -16.64 -13.82
CA ASN B 563 20.86 -16.61 -12.42
C ASN B 563 22.19 -17.29 -12.16
N ILE B 564 22.70 -18.09 -13.10
CA ILE B 564 24.02 -18.69 -12.94
C ILE B 564 25.10 -17.81 -13.54
N ALA B 565 24.87 -17.30 -14.76
CA ALA B 565 25.80 -16.39 -15.41
C ALA B 565 25.51 -14.93 -15.06
N TYR B 566 24.95 -14.69 -13.87
CA TYR B 566 24.70 -13.32 -13.42
C TYR B 566 26.01 -12.54 -13.32
N GLY B 567 25.96 -11.28 -13.69
CA GLY B 567 27.15 -10.45 -13.74
C GLY B 567 27.95 -10.57 -15.02
N LEU B 568 27.47 -11.35 -15.98
CA LEU B 568 28.17 -11.58 -17.24
C LEU B 568 27.31 -11.09 -18.38
N GLN B 569 27.91 -10.30 -19.28
CA GLN B 569 27.15 -9.75 -20.40
C GLN B 569 26.76 -10.82 -21.40
N SER B 570 27.72 -11.64 -21.82
CA SER B 570 27.47 -12.66 -22.85
C SER B 570 28.59 -13.69 -22.80
N CYS B 571 28.26 -14.91 -22.38
CA CYS B 571 29.21 -16.01 -22.38
C CYS B 571 28.51 -17.28 -22.83
N GLU B 572 29.32 -18.26 -23.22
CA GLU B 572 28.79 -19.50 -23.80
C GLU B 572 28.07 -20.33 -22.73
N ASP B 573 27.00 -21.01 -23.14
CA ASP B 573 26.22 -21.80 -22.21
C ASP B 573 26.94 -23.08 -21.81
N ASP B 574 27.85 -23.59 -22.67
CA ASP B 574 28.53 -24.85 -22.40
C ASP B 574 29.27 -24.79 -21.08
N LYS B 575 29.97 -23.69 -20.83
CA LYS B 575 30.60 -23.47 -19.54
C LYS B 575 29.56 -23.38 -18.43
N VAL B 576 28.35 -22.88 -18.74
CA VAL B 576 27.33 -22.73 -17.70
C VAL B 576 26.88 -24.08 -17.18
N MET B 577 26.48 -25.01 -18.08
CA MET B 577 26.12 -26.27 -17.44
C MET B 577 27.34 -27.14 -17.12
N ALA B 578 28.53 -26.81 -17.63
CA ALA B 578 29.73 -27.48 -17.13
C ALA B 578 29.95 -27.16 -15.65
N ALA B 579 29.82 -25.88 -15.30
CA ALA B 579 29.93 -25.49 -13.89
C ALA B 579 28.74 -25.99 -13.08
N ALA B 580 27.55 -26.07 -13.69
CA ALA B 580 26.40 -26.63 -12.99
C ALA B 580 26.62 -28.10 -12.65
N GLN B 581 27.16 -28.87 -13.60
CA GLN B 581 27.52 -30.26 -13.32
C GLN B 581 28.61 -30.35 -12.28
N ALA B 582 29.58 -29.45 -12.33
CA ALA B 582 30.68 -29.46 -11.37
C ALA B 582 30.23 -29.04 -9.98
N ALA B 583 29.06 -28.43 -9.84
CA ALA B 583 28.57 -27.96 -8.55
C ALA B 583 27.51 -28.87 -7.94
N HIS B 584 27.30 -30.05 -8.51
CA HIS B 584 26.28 -31.01 -8.06
C HIS B 584 24.88 -30.39 -8.07
N ALA B 585 24.61 -29.52 -9.03
CA ALA B 585 23.33 -28.85 -9.13
C ALA B 585 22.50 -29.30 -10.33
N ASP B 586 23.08 -30.08 -11.24
CA ASP B 586 22.38 -30.50 -12.44
C ASP B 586 21.25 -31.49 -12.17
N ASP B 587 21.16 -32.04 -10.95
CA ASP B 587 20.15 -33.04 -10.65
C ASP B 587 18.74 -32.46 -10.77
N PHE B 588 18.52 -31.26 -10.25
CA PHE B 588 17.23 -30.60 -10.41
C PHE B 588 17.17 -29.72 -11.64
N ILE B 589 18.23 -29.67 -12.43
CA ILE B 589 18.23 -28.93 -13.69
C ILE B 589 17.81 -29.81 -14.85
N GLN B 590 18.41 -30.99 -14.96
CA GLN B 590 18.05 -31.91 -16.05
C GLN B 590 16.65 -32.48 -15.87
N GLU B 591 16.14 -32.53 -14.64
CA GLU B 591 14.77 -32.97 -14.42
C GLU B 591 13.76 -31.89 -14.76
N MET B 592 14.19 -30.65 -14.95
CA MET B 592 13.31 -29.55 -15.27
C MET B 592 13.44 -29.19 -16.75
N GLU B 593 12.34 -28.72 -17.31
CA GLU B 593 12.25 -28.56 -18.76
C GLU B 593 13.18 -27.45 -19.25
N HIS B 594 13.69 -27.66 -20.47
CA HIS B 594 14.61 -26.75 -21.17
C HIS B 594 15.92 -26.54 -20.41
N GLY B 595 16.26 -27.43 -19.49
CA GLY B 595 17.53 -27.39 -18.80
C GLY B 595 17.75 -26.15 -17.95
N ILE B 596 18.64 -25.27 -18.42
CA ILE B 596 18.95 -24.03 -17.70
C ILE B 596 18.01 -22.90 -18.04
N TYR B 597 17.11 -23.09 -19.00
CA TYR B 597 16.19 -22.03 -19.42
C TYR B 597 14.87 -22.06 -18.69
N THR B 598 14.70 -22.94 -17.72
CA THR B 598 13.46 -22.96 -16.94
C THR B 598 13.42 -21.75 -16.01
N ASP B 599 12.21 -21.41 -15.58
CA ASP B 599 11.98 -20.27 -14.72
C ASP B 599 11.86 -20.71 -13.27
N VAL B 600 12.46 -19.93 -12.37
CA VAL B 600 12.37 -20.18 -10.95
C VAL B 600 11.44 -19.14 -10.33
N GLY B 601 11.11 -19.34 -9.06
CA GLY B 601 10.26 -18.40 -8.36
C GLY B 601 10.97 -17.09 -8.07
N GLU B 602 10.18 -16.10 -7.66
CA GLU B 602 10.73 -14.80 -7.33
C GLU B 602 11.61 -14.90 -6.09
N LYS B 603 12.74 -14.20 -6.14
CA LYS B 603 13.80 -14.26 -5.12
C LYS B 603 14.29 -15.69 -4.88
N GLY B 604 14.08 -16.58 -5.86
CA GLY B 604 14.44 -17.97 -5.71
C GLY B 604 13.57 -18.77 -4.76
N SER B 605 12.44 -18.19 -4.31
CA SER B 605 11.64 -18.81 -3.26
C SER B 605 11.01 -20.14 -3.66
N GLN B 606 11.01 -20.47 -4.94
CA GLN B 606 10.49 -21.76 -5.37
C GLN B 606 11.36 -22.91 -4.88
N LEU B 607 12.67 -22.73 -4.86
CA LEU B 607 13.61 -23.78 -4.49
C LEU B 607 13.95 -23.73 -2.99
N ALA B 608 14.72 -24.71 -2.55
CA ALA B 608 15.08 -24.88 -1.14
C ALA B 608 16.53 -24.52 -0.92
N ALA B 609 16.95 -24.60 0.36
CA ALA B 609 18.26 -24.08 0.77
C ALA B 609 19.41 -24.86 0.14
N GLY B 610 19.27 -26.17 -0.01
CA GLY B 610 20.29 -26.92 -0.71
C GLY B 610 20.46 -26.48 -2.16
N GLN B 611 19.34 -26.19 -2.82
CA GLN B 611 19.40 -25.62 -4.16
C GLN B 611 20.03 -24.23 -4.13
N LYS B 612 19.79 -23.46 -3.07
CA LYS B 612 20.42 -22.15 -2.94
C LYS B 612 21.93 -22.28 -2.90
N GLN B 613 22.43 -23.19 -2.06
CA GLN B 613 23.88 -23.38 -1.95
C GLN B 613 24.46 -23.91 -3.25
N ARG B 614 23.77 -24.84 -3.90
CA ARG B 614 24.26 -25.39 -5.16
C ARG B 614 24.32 -24.31 -6.24
N LEU B 615 23.29 -23.48 -6.33
CA LEU B 615 23.29 -22.40 -7.32
C LEU B 615 24.36 -21.38 -7.02
N ALA B 616 24.57 -21.05 -5.74
CA ALA B 616 25.62 -20.11 -5.38
C ALA B 616 27.00 -20.64 -5.75
N ILE B 617 27.25 -21.92 -5.48
CA ILE B 617 28.54 -22.52 -5.83
C ILE B 617 28.73 -22.54 -7.34
N ALA B 618 27.66 -22.87 -8.08
CA ALA B 618 27.75 -22.89 -9.53
C ALA B 618 28.02 -21.49 -10.09
N ARG B 619 27.39 -20.48 -9.51
CA ARG B 619 27.65 -19.10 -9.95
C ARG B 619 29.08 -18.69 -9.64
N ALA B 620 29.59 -19.06 -8.47
CA ALA B 620 30.96 -18.72 -8.11
C ALA B 620 31.97 -19.41 -9.03
N LEU B 621 31.70 -20.66 -9.38
CA LEU B 621 32.64 -21.41 -10.20
C LEU B 621 32.60 -21.00 -11.67
N VAL B 622 31.42 -20.59 -12.18
CA VAL B 622 31.28 -20.33 -13.60
C VAL B 622 32.00 -19.06 -14.04
N ARG B 623 32.35 -18.17 -13.11
CA ARG B 623 33.08 -16.97 -13.46
C ARG B 623 34.59 -17.17 -13.48
N ASP B 624 35.07 -18.35 -13.08
CA ASP B 624 36.48 -18.72 -13.03
C ASP B 624 37.29 -17.74 -12.18
N PRO B 625 37.07 -17.70 -10.87
CA PRO B 625 37.75 -16.71 -10.03
C PRO B 625 39.15 -17.14 -9.66
N ARG B 626 39.92 -16.16 -9.19
CA ARG B 626 41.27 -16.41 -8.67
C ARG B 626 41.31 -16.44 -7.16
N VAL B 627 40.53 -15.59 -6.49
CA VAL B 627 40.40 -15.59 -5.05
C VAL B 627 38.95 -15.96 -4.74
N LEU B 628 38.74 -17.12 -4.14
CA LEU B 628 37.41 -17.65 -3.89
C LEU B 628 37.16 -17.71 -2.39
N ILE B 629 36.02 -17.20 -1.96
CA ILE B 629 35.65 -17.16 -0.55
C ILE B 629 34.37 -17.98 -0.36
N LEU B 630 34.39 -18.90 0.60
CA LEU B 630 33.24 -19.71 0.94
C LEU B 630 32.91 -19.50 2.42
N ASP B 631 31.64 -19.25 2.72
CA ASP B 631 31.19 -19.01 4.08
C ASP B 631 30.17 -20.07 4.48
N GLU B 632 30.34 -20.58 5.71
CA GLU B 632 29.48 -21.63 6.28
C GLU B 632 29.43 -22.87 5.38
N ALA B 633 30.60 -23.27 4.87
CA ALA B 633 30.68 -24.46 4.05
C ALA B 633 30.32 -25.71 4.84
N THR B 634 30.83 -25.82 6.07
CA THR B 634 30.53 -26.94 6.94
C THR B 634 29.37 -26.63 7.89
N SER B 635 28.75 -25.46 7.79
CA SER B 635 27.64 -25.08 8.65
C SER B 635 26.30 -25.06 7.94
N ALA B 636 26.28 -24.88 6.62
CA ALA B 636 25.04 -24.83 5.86
C ALA B 636 25.10 -25.58 4.55
N LEU B 637 26.18 -26.29 4.25
CA LEU B 637 26.32 -27.00 3.00
C LEU B 637 26.86 -28.41 3.25
N ASP B 638 26.55 -29.33 2.34
CA ASP B 638 27.01 -30.69 2.46
C ASP B 638 28.51 -30.78 2.18
N VAL B 639 29.10 -31.88 2.63
CA VAL B 639 30.54 -32.09 2.44
C VAL B 639 30.87 -32.40 0.99
N GLN B 640 29.88 -32.84 0.19
CA GLN B 640 30.12 -33.06 -1.23
C GLN B 640 30.47 -31.76 -1.93
N CYS B 641 29.77 -30.67 -1.58
CA CYS B 641 30.13 -29.36 -2.10
C CYS B 641 31.53 -28.95 -1.65
N GLU B 642 31.86 -29.21 -0.38
CA GLU B 642 33.19 -28.90 0.13
C GLU B 642 34.25 -29.73 -0.57
N GLN B 643 33.97 -31.01 -0.83
CA GLN B 643 34.92 -31.86 -1.53
C GLN B 643 35.11 -31.38 -2.97
N ALA B 644 34.04 -30.96 -3.63
CA ALA B 644 34.15 -30.44 -4.99
C ALA B 644 34.92 -29.13 -5.02
N LEU B 645 34.68 -28.24 -4.05
CA LEU B 645 35.38 -26.96 -4.00
C LEU B 645 36.76 -27.07 -3.38
N GLN B 646 37.15 -28.25 -2.89
CA GLN B 646 38.50 -28.47 -2.39
C GLN B 646 39.33 -29.33 -3.33
N ASP B 647 38.79 -29.72 -4.49
CA ASP B 647 39.53 -30.55 -5.43
C ASP B 647 39.33 -30.16 -6.88
N TRP B 648 38.64 -29.04 -7.15
CA TRP B 648 38.36 -28.66 -8.52
C TRP B 648 39.61 -28.10 -9.20
N ASN B 649 39.59 -28.11 -10.54
CA ASN B 649 40.70 -27.55 -11.30
C ASN B 649 40.80 -26.05 -11.10
N SER B 650 39.65 -25.37 -10.98
CA SER B 650 39.62 -23.96 -10.65
C SER B 650 39.72 -23.72 -9.14
N ARG B 651 39.81 -24.79 -8.35
CA ARG B 651 39.99 -24.69 -6.91
C ARG B 651 41.25 -25.38 -6.41
N GLY B 652 41.94 -26.15 -7.25
CA GLY B 652 43.17 -26.80 -6.82
C GLY B 652 44.31 -25.82 -6.59
N ASP B 653 44.45 -24.81 -7.48
CA ASP B 653 45.58 -23.89 -7.42
C ASP B 653 45.13 -22.43 -7.34
N ARG B 654 43.88 -22.18 -6.98
CA ARG B 654 43.38 -20.83 -6.77
C ARG B 654 43.33 -20.54 -5.27
N THR B 655 43.51 -19.27 -4.92
CA THR B 655 43.50 -18.87 -3.52
C THR B 655 42.09 -19.03 -2.94
N VAL B 656 41.97 -19.85 -1.91
CA VAL B 656 40.68 -20.21 -1.33
C VAL B 656 40.67 -19.81 0.14
N LEU B 657 39.64 -19.09 0.55
CA LEU B 657 39.41 -18.74 1.94
C LEU B 657 38.05 -19.29 2.35
N VAL B 658 38.04 -20.24 3.28
CA VAL B 658 36.82 -20.92 3.69
C VAL B 658 36.55 -20.58 5.15
N ILE B 659 35.29 -20.27 5.46
CA ILE B 659 34.86 -19.96 6.82
C ILE B 659 33.80 -20.97 7.23
N ALA B 660 34.02 -21.64 8.36
CA ALA B 660 33.11 -22.66 8.86
C ALA B 660 32.86 -22.42 10.33
N HIS B 661 31.73 -22.97 10.81
CA HIS B 661 31.33 -22.86 12.20
C HIS B 661 31.65 -24.10 13.01
N ARG B 662 32.46 -25.02 12.47
CA ARG B 662 32.82 -26.24 13.15
C ARG B 662 34.27 -26.59 12.81
N LEU B 663 34.71 -27.74 13.32
CA LEU B 663 36.07 -28.22 13.09
C LEU B 663 36.16 -29.17 11.90
N GLN B 664 35.09 -29.28 11.11
CA GLN B 664 35.10 -30.17 9.96
C GLN B 664 36.08 -29.74 8.89
N THR B 665 36.41 -28.44 8.83
CA THR B 665 37.38 -27.94 7.87
C THR B 665 38.80 -27.87 8.42
N VAL B 666 38.97 -28.09 9.73
CA VAL B 666 40.30 -28.01 10.33
C VAL B 666 41.17 -29.17 9.85
N GLN B 667 40.57 -30.35 9.67
CA GLN B 667 41.33 -31.53 9.26
C GLN B 667 41.87 -31.44 7.85
N ARG B 668 41.25 -30.63 6.98
CA ARG B 668 41.68 -30.50 5.60
C ARG B 668 42.32 -29.17 5.27
N ALA B 669 42.29 -28.20 6.17
CA ALA B 669 42.86 -26.89 5.88
C ALA B 669 44.37 -26.93 5.88
N HIS B 670 44.99 -26.37 4.84
CA HIS B 670 46.44 -26.24 4.82
C HIS B 670 46.92 -25.29 5.91
N GLN B 671 46.21 -24.19 6.11
CA GLN B 671 46.52 -23.24 7.17
C GLN B 671 45.21 -22.79 7.79
N ILE B 672 45.18 -22.67 9.12
CA ILE B 672 43.99 -22.29 9.86
C ILE B 672 44.30 -21.07 10.71
N LEU B 673 43.41 -20.09 10.68
CA LEU B 673 43.54 -18.87 11.46
C LEU B 673 42.27 -18.66 12.27
N VAL B 674 42.42 -18.00 13.43
CA VAL B 674 41.31 -17.78 14.34
C VAL B 674 41.22 -16.30 14.68
N LEU B 675 40.04 -15.91 15.17
CA LEU B 675 39.82 -14.53 15.60
C LEU B 675 38.69 -14.54 16.63
N GLN B 676 38.82 -13.65 17.62
CA GLN B 676 37.80 -13.46 18.63
C GLN B 676 37.68 -11.97 18.92
N GLU B 677 36.45 -11.54 19.25
CA GLU B 677 36.06 -10.17 19.56
C GLU B 677 36.65 -9.13 18.61
N GLY B 678 36.82 -9.51 17.34
CA GLY B 678 37.35 -8.60 16.34
C GLY B 678 38.85 -8.51 16.26
N LYS B 679 39.58 -9.38 16.96
CA LYS B 679 41.03 -9.38 16.91
C LYS B 679 41.55 -10.81 16.82
N LEU B 680 42.78 -10.93 16.34
CA LEU B 680 43.41 -12.24 16.17
C LEU B 680 43.67 -12.92 17.51
N ARG C 1 -24.49 17.07 -2.45
CA ARG C 1 -23.14 17.03 -3.00
C ARG C 1 -23.04 16.98 -4.52
N ARG C 2 -22.03 17.71 -5.02
CA ARG C 2 -21.79 17.90 -6.44
C ARG C 2 -20.44 17.32 -6.81
N TYR C 3 -20.37 16.70 -7.98
CA TYR C 3 -19.11 16.17 -8.49
C TYR C 3 -18.28 17.29 -9.09
N GLN C 4 -16.98 17.25 -8.82
CA GLN C 4 -16.05 18.22 -9.39
C GLN C 4 -14.68 17.58 -9.53
N SER C 5 -14.05 17.78 -10.68
CA SER C 5 -12.73 17.24 -10.95
C SER C 5 -12.08 18.05 -12.04
N THR C 6 -10.77 17.84 -12.21
CA THR C 6 -9.99 18.54 -13.22
C THR C 6 -9.58 17.58 -14.32
N GLU C 7 -9.51 18.11 -15.54
CA GLU C 7 -9.10 17.35 -16.71
C GLU C 7 -7.67 17.74 -17.08
N LEU C 8 -6.99 16.82 -17.77
CA LEU C 8 -5.62 17.06 -18.22
C LEU C 8 -5.56 18.18 -19.23
#